data_3P9W
#
_entry.id   3P9W
#
_cell.length_a   52.727
_cell.length_b   132.908
_cell.length_c   175.481
_cell.angle_alpha   90.00
_cell.angle_beta   90.00
_cell.angle_gamma   90.00
#
_symmetry.space_group_name_H-M   'P 21 21 21'
#
loop_
_entity.id
_entity.type
_entity.pdbx_description
1 polymer 'Vascular endothelial growth factor A'
2 polymer 'human VEGF'
3 water water
#
loop_
_entity_poly.entity_id
_entity_poly.type
_entity_poly.pdbx_seq_one_letter_code
_entity_poly.pdbx_strand_id
1 'polypeptide(L)'
;GSQNHHEVVKFMDVYQRSYCHPIETLVDIFQEYPDEIEYIFKPSCVPLMRCGGCCNDEGLECVPTEESNITMQIMRIKPH
QGQHIGEMSFLQHNKCECRPKKDRAR
;
A,C,E,G
2 'polypeptide(L)'
;EVQLVESGGGLVQPGGSLRLSCAASGFNIKDTYIGWVRRAPGKGEELVARIYPTNGYTRYADSVKGRFTISADTSKNTAY
LQMNSLRAEDTAVYYCYYHYYGWHPGYGLSYSSGQGTLVTVSS
;
B,D,F,H
#
# COMPACT_ATOMS: atom_id res chain seq x y z
N HIS A 6 28.57 2.93 22.81
CA HIS A 6 28.14 2.14 21.62
C HIS A 6 28.58 0.67 21.71
N GLU A 7 27.70 -0.21 21.23
CA GLU A 7 27.80 -1.65 21.48
C GLU A 7 28.28 -2.40 20.23
N VAL A 8 29.60 -2.52 20.09
CA VAL A 8 30.24 -3.06 18.87
C VAL A 8 30.18 -4.58 18.83
N VAL A 9 29.70 -5.14 17.72
CA VAL A 9 29.60 -6.60 17.58
C VAL A 9 30.99 -7.21 17.43
N LYS A 10 31.29 -8.22 18.24
CA LYS A 10 32.62 -8.86 18.24
C LYS A 10 32.92 -9.56 16.93
N PHE A 11 34.19 -9.56 16.54
CA PHE A 11 34.63 -10.29 15.36
C PHE A 11 34.10 -11.72 15.24
N MET A 12 34.33 -12.57 16.24
CA MET A 12 33.92 -13.97 16.13
C MET A 12 32.42 -14.09 15.90
N ASP A 13 31.66 -13.18 16.50
CA ASP A 13 30.21 -13.19 16.35
C ASP A 13 29.78 -12.87 14.94
N VAL A 14 30.33 -11.80 14.38
CA VAL A 14 30.05 -11.47 12.97
C VAL A 14 30.49 -12.64 12.09
N TYR A 15 31.61 -13.25 12.44
CA TYR A 15 32.23 -14.27 11.61
C TYR A 15 31.41 -15.56 11.55
N GLN A 16 30.92 -16.01 12.69
CA GLN A 16 30.10 -17.23 12.77
C GLN A 16 28.71 -16.99 12.19
N ARG A 17 28.20 -15.78 12.35
CA ARG A 17 26.84 -15.48 11.95
C ARG A 17 26.70 -15.28 10.45
N SER A 18 27.80 -14.92 9.79
CA SER A 18 27.71 -14.59 8.39
C SER A 18 28.10 -15.76 7.52
N TYR A 19 28.60 -16.82 8.14
CA TYR A 19 29.11 -17.96 7.41
C TYR A 19 28.01 -18.80 6.77
N CYS A 20 28.25 -19.20 5.53
CA CYS A 20 27.46 -20.21 4.80
C CYS A 20 26.54 -21.05 5.67
N HIS A 21 25.22 -20.93 5.50
CA HIS A 21 24.25 -21.75 6.23
C HIS A 21 22.82 -21.49 5.76
N PRO A 22 21.87 -22.35 6.16
CA PRO A 22 20.48 -22.12 5.78
C PRO A 22 19.86 -21.00 6.58
N ILE A 23 19.27 -20.02 5.88
CA ILE A 23 18.68 -18.87 6.56
C ILE A 23 17.31 -18.55 5.96
N GLU A 24 16.35 -18.13 6.78
CA GLU A 24 15.03 -17.78 6.24
C GLU A 24 15.11 -16.70 5.17
N THR A 25 14.58 -17.04 3.99
CA THR A 25 14.78 -16.26 2.78
C THR A 25 13.43 -16.10 2.11
N LEU A 26 13.16 -14.90 1.60
CA LEU A 26 11.84 -14.61 1.04
C LEU A 26 11.89 -14.74 -0.47
N VAL A 27 11.27 -15.77 -1.01
CA VAL A 27 11.54 -16.16 -2.37
C VAL A 27 10.36 -15.85 -3.29
N ASP A 28 10.63 -15.18 -4.39
CA ASP A 28 9.57 -14.80 -5.29
C ASP A 28 9.01 -16.05 -5.97
N ILE A 29 7.70 -16.26 -5.86
CA ILE A 29 7.10 -17.47 -6.38
C ILE A 29 7.30 -17.60 -7.88
N PHE A 30 7.01 -16.52 -8.61
CA PHE A 30 7.00 -16.56 -10.06
C PHE A 30 8.36 -16.91 -10.64
N GLN A 31 9.42 -16.46 -9.99
CA GLN A 31 10.77 -16.87 -10.38
C GLN A 31 10.96 -18.39 -10.28
N GLU A 32 10.38 -19.03 -9.28
CA GLU A 32 10.41 -20.51 -9.15
C GLU A 32 9.55 -21.21 -10.20
N TYR A 33 8.39 -20.64 -10.49
CA TYR A 33 7.44 -21.23 -11.43
C TYR A 33 6.93 -20.21 -12.48
N PRO A 34 7.70 -20.00 -13.55
CA PRO A 34 7.44 -18.85 -14.42
C PRO A 34 6.53 -19.12 -15.61
N ASP A 35 5.45 -19.87 -15.44
CA ASP A 35 4.83 -20.54 -16.59
C ASP A 35 3.48 -19.99 -17.07
N GLU A 36 2.60 -19.61 -16.15
CA GLU A 36 1.38 -18.90 -16.55
C GLU A 36 1.50 -17.39 -16.30
N ILE A 37 2.03 -16.67 -17.29
CA ILE A 37 2.39 -15.26 -17.13
C ILE A 37 1.17 -14.36 -16.95
N GLU A 38 -0.03 -14.92 -17.14
CA GLU A 38 -1.25 -14.13 -17.01
C GLU A 38 -1.82 -14.15 -15.59
N TYR A 39 -1.20 -14.93 -14.71
CA TYR A 39 -1.69 -15.07 -13.35
C TYR A 39 -0.69 -14.47 -12.37
N ILE A 40 -1.21 -13.88 -11.30
CA ILE A 40 -0.34 -13.46 -10.22
C ILE A 40 -0.67 -14.26 -8.96
N PHE A 41 0.31 -14.36 -8.07
CA PHE A 41 0.16 -15.13 -6.84
C PHE A 41 0.09 -14.19 -5.65
N LYS A 42 -0.65 -14.61 -4.65
CA LYS A 42 -0.68 -13.88 -3.42
C LYS A 42 -0.56 -14.87 -2.27
N PRO A 43 0.45 -14.68 -1.40
CA PRO A 43 1.49 -13.67 -1.58
C PRO A 43 2.34 -13.96 -2.80
N SER A 44 3.03 -12.96 -3.32
CA SER A 44 3.87 -13.18 -4.48
C SER A 44 5.21 -13.84 -4.11
N CYS A 45 5.53 -13.85 -2.82
CA CYS A 45 6.74 -14.47 -2.31
C CYS A 45 6.46 -15.37 -1.10
N VAL A 46 7.30 -16.38 -0.89
CA VAL A 46 7.12 -17.33 0.21
C VAL A 46 8.39 -17.40 1.04
N PRO A 47 8.24 -17.73 2.34
CA PRO A 47 9.38 -17.89 3.24
C PRO A 47 9.97 -19.30 3.21
N LEU A 48 11.24 -19.39 2.79
CA LEU A 48 11.90 -20.68 2.55
C LEU A 48 13.26 -20.64 3.23
N MET A 49 13.65 -21.75 3.85
CA MET A 49 15.04 -21.88 4.28
C MET A 49 15.89 -22.08 3.05
N ARG A 50 16.87 -21.20 2.87
CA ARG A 50 17.77 -21.25 1.71
C ARG A 50 19.21 -20.92 2.14
N CYS A 51 20.18 -21.63 1.57
CA CYS A 51 21.59 -21.27 1.77
C CYS A 51 21.82 -19.78 1.62
N GLY A 52 22.55 -19.20 2.56
CA GLY A 52 23.07 -17.85 2.36
C GLY A 52 24.27 -17.59 3.22
N GLY A 53 24.83 -16.40 3.08
CA GLY A 53 26.04 -16.05 3.78
C GLY A 53 27.24 -16.24 2.90
N CYS A 54 28.43 -16.11 3.50
CA CYS A 54 29.64 -16.09 2.73
C CYS A 54 30.60 -17.24 3.06
N CYS A 55 31.60 -17.39 2.21
CA CYS A 55 32.53 -18.50 2.27
C CYS A 55 33.93 -17.94 2.52
N ASN A 56 34.06 -16.63 2.33
CA ASN A 56 35.34 -15.98 2.60
C ASN A 56 36.45 -16.65 1.80
N ASP A 57 36.16 -16.80 0.51
CA ASP A 57 37.10 -17.24 -0.48
C ASP A 57 36.37 -17.03 -1.79
N GLU A 58 36.90 -16.14 -2.61
CA GLU A 58 36.26 -15.80 -3.88
C GLU A 58 36.04 -17.01 -4.79
N GLY A 59 36.61 -18.16 -4.42
CA GLY A 59 36.52 -19.37 -5.24
C GLY A 59 35.52 -20.39 -4.74
N LEU A 60 34.77 -20.03 -3.71
CA LEU A 60 33.80 -20.93 -3.10
C LEU A 60 32.44 -20.26 -3.12
N GLU A 61 31.38 -21.05 -3.20
CA GLU A 61 30.04 -20.52 -3.08
C GLU A 61 29.22 -21.43 -2.20
N CYS A 62 28.34 -20.83 -1.40
CA CYS A 62 27.46 -21.59 -0.52
C CYS A 62 26.41 -22.21 -1.41
N VAL A 63 26.20 -23.51 -1.26
CA VAL A 63 25.23 -24.19 -2.10
C VAL A 63 24.56 -25.31 -1.31
N PRO A 64 23.27 -25.55 -1.57
CA PRO A 64 22.57 -26.60 -0.83
C PRO A 64 23.19 -27.98 -1.09
N THR A 65 23.21 -28.85 -0.08
CA THR A 65 23.67 -30.22 -0.27
C THR A 65 22.63 -31.19 0.27
N GLU A 66 21.67 -30.67 1.03
CA GLU A 66 20.45 -31.41 1.33
C GLU A 66 19.24 -30.52 1.10
N GLU A 67 18.17 -31.12 0.58
CA GLU A 67 16.96 -30.39 0.28
C GLU A 67 15.71 -31.14 0.71
N SER A 68 14.62 -30.40 0.89
CA SER A 68 13.33 -31.05 1.15
C SER A 68 12.13 -30.23 0.67
N ASN A 69 11.00 -30.89 0.49
CA ASN A 69 9.80 -30.25 -0.04
C ASN A 69 9.07 -29.53 1.07
N ILE A 70 8.53 -28.36 0.77
CA ILE A 70 7.45 -27.80 1.59
C ILE A 70 6.26 -27.29 0.76
N THR A 71 5.06 -27.50 1.29
CA THR A 71 3.81 -27.26 0.57
C THR A 71 2.96 -26.20 1.28
N MET A 72 2.54 -25.19 0.53
CA MET A 72 1.78 -24.06 1.09
C MET A 72 0.51 -23.74 0.30
N GLN A 73 -0.47 -23.15 0.99
CA GLN A 73 -1.65 -22.56 0.36
C GLN A 73 -1.34 -21.19 -0.21
N ILE A 74 -1.61 -21.02 -1.50
CA ILE A 74 -1.37 -19.76 -2.21
C ILE A 74 -2.62 -19.37 -3.02
N MET A 75 -2.96 -18.09 -3.00
CA MET A 75 -4.04 -17.58 -3.86
C MET A 75 -3.49 -17.37 -5.24
N ARG A 76 -4.26 -17.76 -6.25
CA ARG A 76 -4.00 -17.33 -7.61
C ARG A 76 -5.03 -16.32 -8.09
N ILE A 77 -4.57 -15.35 -8.87
CA ILE A 77 -5.40 -14.21 -9.24
C ILE A 77 -5.26 -13.91 -10.72
N LYS A 78 -6.38 -14.01 -11.44
CA LYS A 78 -6.54 -13.30 -12.71
C LYS A 78 -7.11 -11.91 -12.43
N PRO A 79 -6.34 -10.87 -12.79
CA PRO A 79 -6.32 -9.52 -12.20
C PRO A 79 -7.64 -8.76 -11.97
N HIS A 80 -8.63 -8.88 -12.85
CA HIS A 80 -9.93 -8.25 -12.56
C HIS A 80 -11.01 -9.26 -12.19
N GLN A 81 -10.71 -10.53 -12.46
CA GLN A 81 -11.52 -11.66 -12.01
C GLN A 81 -11.29 -11.95 -10.52
N GLY A 82 -11.68 -13.15 -10.07
CA GLY A 82 -11.57 -13.49 -8.67
C GLY A 82 -10.19 -13.98 -8.24
N GLN A 83 -10.04 -14.20 -6.94
CA GLN A 83 -8.88 -14.90 -6.40
C GLN A 83 -9.28 -16.27 -5.85
N HIS A 84 -8.53 -17.31 -6.21
CA HIS A 84 -8.81 -18.66 -5.74
C HIS A 84 -7.67 -19.29 -4.94
N ILE A 85 -8.06 -20.10 -3.96
CA ILE A 85 -7.09 -20.78 -3.12
C ILE A 85 -6.60 -22.04 -3.83
N GLY A 86 -5.30 -22.30 -3.74
CA GLY A 86 -4.76 -23.59 -4.11
C GLY A 86 -3.46 -23.87 -3.38
N GLU A 87 -2.69 -24.82 -3.89
CA GLU A 87 -1.47 -25.25 -3.24
C GLU A 87 -0.28 -25.30 -4.17
N MET A 88 0.89 -25.04 -3.60
CA MET A 88 2.15 -25.08 -4.32
C MET A 88 3.24 -25.66 -3.44
N SER A 89 4.25 -26.26 -4.06
CA SER A 89 5.30 -26.92 -3.31
C SER A 89 6.65 -26.37 -3.72
N PHE A 90 7.55 -26.16 -2.74
CA PHE A 90 8.86 -25.61 -2.99
C PHE A 90 9.95 -26.42 -2.27
N LEU A 91 11.20 -26.21 -2.70
CA LEU A 91 12.37 -26.78 -2.05
C LEU A 91 12.94 -25.85 -0.98
N GLN A 92 13.17 -26.39 0.21
CA GLN A 92 14.05 -25.74 1.18
C GLN A 92 15.40 -26.42 1.24
N HIS A 93 16.36 -25.72 1.81
CA HIS A 93 17.72 -26.24 1.90
C HIS A 93 18.00 -26.62 3.34
N ASN A 94 18.17 -27.92 3.59
CA ASN A 94 18.40 -28.43 4.93
C ASN A 94 19.86 -28.22 5.32
N LYS A 95 20.74 -28.16 4.31
CA LYS A 95 22.17 -28.19 4.58
C LYS A 95 22.92 -27.43 3.49
N CYS A 96 23.97 -26.72 3.88
CA CYS A 96 24.69 -25.89 2.91
C CYS A 96 26.17 -26.17 3.04
N GLU A 97 26.91 -26.04 1.95
CA GLU A 97 28.34 -25.87 2.13
C GLU A 97 29.09 -25.11 1.05
N CYS A 98 30.33 -24.77 1.35
CA CYS A 98 31.14 -24.01 0.44
C CYS A 98 31.86 -24.96 -0.52
N ARG A 99 31.66 -24.75 -1.83
CA ARG A 99 32.15 -25.65 -2.86
C ARG A 99 32.71 -24.85 -4.04
N PRO A 100 33.79 -25.37 -4.66
CA PRO A 100 34.41 -24.77 -5.83
C PRO A 100 33.40 -24.28 -6.86
N LYS A 101 33.65 -23.14 -7.47
CA LYS A 101 32.66 -22.45 -8.31
C LYS A 101 32.41 -23.12 -9.67
N GLU B 1 -9.20 -41.00 -6.80
CA GLU B 1 -8.35 -41.79 -5.86
C GLU B 1 -6.99 -42.08 -6.49
N VAL B 2 -5.96 -41.48 -5.91
CA VAL B 2 -4.58 -41.73 -6.35
C VAL B 2 -4.03 -42.98 -5.68
N GLN B 3 -3.34 -43.81 -6.46
CA GLN B 3 -2.46 -44.82 -5.91
C GLN B 3 -1.04 -44.64 -6.43
N LEU B 4 -0.07 -44.74 -5.53
CA LEU B 4 1.31 -44.99 -5.91
C LEU B 4 1.68 -46.43 -5.58
N VAL B 5 2.00 -47.23 -6.60
CA VAL B 5 2.50 -48.59 -6.36
C VAL B 5 4.03 -48.70 -6.46
N GLU B 6 4.67 -49.02 -5.34
CA GLU B 6 6.13 -48.99 -5.23
C GLU B 6 6.70 -50.40 -5.29
N SER B 7 7.83 -50.56 -6.00
CA SER B 7 8.60 -51.81 -5.94
C SER B 7 10.10 -51.58 -6.15
N GLY B 8 10.92 -52.55 -5.74
CA GLY B 8 12.33 -52.60 -6.14
C GLY B 8 13.33 -52.58 -5.01
N GLY B 9 12.86 -52.53 -3.78
CA GLY B 9 13.78 -52.40 -2.65
C GLY B 9 14.44 -53.70 -2.28
N GLY B 10 15.22 -53.68 -1.21
CA GLY B 10 15.91 -54.88 -0.77
C GLY B 10 17.24 -54.60 -0.12
N LEU B 11 18.06 -55.64 -0.02
CA LEU B 11 19.30 -55.64 0.76
C LEU B 11 20.46 -55.89 -0.20
N VAL B 12 21.46 -55.02 -0.20
CA VAL B 12 22.62 -55.26 -1.04
C VAL B 12 23.91 -55.01 -0.27
N GLN B 13 25.02 -55.43 -0.87
CA GLN B 13 26.35 -55.10 -0.37
C GLN B 13 26.85 -53.82 -1.06
N PRO B 14 27.73 -53.08 -0.39
CA PRO B 14 28.30 -51.87 -1.00
C PRO B 14 28.77 -52.12 -2.43
N GLY B 15 28.51 -51.14 -3.30
CA GLY B 15 28.81 -51.24 -4.71
C GLY B 15 27.67 -51.85 -5.50
N GLY B 16 26.76 -52.51 -4.80
CA GLY B 16 25.59 -53.11 -5.44
C GLY B 16 24.55 -52.09 -5.92
N SER B 17 23.47 -52.61 -6.50
CA SER B 17 22.44 -51.77 -7.09
C SER B 17 21.00 -52.26 -6.84
N LEU B 18 20.04 -51.33 -7.00
CA LEU B 18 18.62 -51.65 -7.01
C LEU B 18 17.93 -50.74 -8.01
N ARG B 19 16.81 -51.18 -8.56
CA ARG B 19 15.98 -50.31 -9.37
C ARG B 19 14.60 -50.15 -8.73
N LEU B 20 14.28 -48.95 -8.27
CA LEU B 20 12.95 -48.65 -7.72
C LEU B 20 12.03 -48.26 -8.84
N SER B 21 10.78 -48.66 -8.72
CA SER B 21 9.75 -48.14 -9.61
C SER B 21 8.51 -47.70 -8.85
N CYS B 22 7.82 -46.72 -9.42
CA CYS B 22 6.66 -46.13 -8.79
C CYS B 22 5.61 -45.94 -9.88
N ALA B 23 4.61 -46.82 -9.86
CA ALA B 23 3.54 -46.81 -10.85
C ALA B 23 2.33 -46.07 -10.29
N ALA B 24 1.98 -44.95 -10.92
CA ALA B 24 0.94 -44.07 -10.41
C ALA B 24 -0.37 -44.38 -11.12
N SER B 25 -1.48 -44.30 -10.40
CA SER B 25 -2.79 -44.16 -11.07
C SER B 25 -3.70 -43.16 -10.37
N GLY B 26 -4.62 -42.59 -11.14
CA GLY B 26 -5.51 -41.57 -10.60
C GLY B 26 -5.08 -40.17 -10.98
N PHE B 27 -3.97 -40.06 -11.72
CA PHE B 27 -3.50 -38.78 -12.21
C PHE B 27 -2.45 -39.02 -13.28
N ASN B 28 -2.09 -37.96 -14.00
CA ASN B 28 -1.11 -38.07 -15.07
C ASN B 28 0.23 -37.53 -14.57
N ILE B 29 1.29 -38.31 -14.73
CA ILE B 29 2.55 -37.92 -14.14
C ILE B 29 3.19 -36.73 -14.86
N LYS B 30 2.77 -36.48 -16.08
CA LYS B 30 3.27 -35.34 -16.83
C LYS B 30 2.81 -34.05 -16.17
N ASP B 31 1.78 -34.16 -15.33
CA ASP B 31 1.26 -32.98 -14.64
C ASP B 31 2.05 -32.67 -13.36
N THR B 32 3.03 -33.52 -13.04
CA THR B 32 3.63 -33.47 -11.71
C THR B 32 5.15 -33.46 -11.74
N TYR B 33 5.75 -32.99 -10.66
CA TYR B 33 7.04 -33.52 -10.22
C TYR B 33 6.82 -34.85 -9.52
N ILE B 34 7.47 -35.89 -10.05
CA ILE B 34 7.45 -37.19 -9.41
C ILE B 34 8.89 -37.60 -9.08
N GLY B 35 9.11 -38.25 -7.93
CA GLY B 35 10.47 -38.49 -7.44
C GLY B 35 10.52 -39.34 -6.18
N TRP B 36 11.65 -39.28 -5.48
CA TRP B 36 11.79 -40.02 -4.22
C TRP B 36 12.37 -39.12 -3.15
N VAL B 37 11.91 -39.27 -1.93
CA VAL B 37 12.64 -38.75 -0.79
C VAL B 37 13.11 -39.95 0.03
N ARG B 38 14.00 -39.73 0.97
CA ARG B 38 14.42 -40.80 1.85
C ARG B 38 14.54 -40.31 3.27
N ARG B 39 14.24 -41.19 4.22
CA ARG B 39 14.47 -40.96 5.65
C ARG B 39 15.35 -42.07 6.23
N ALA B 40 16.55 -41.70 6.64
CA ALA B 40 17.50 -42.63 7.27
C ALA B 40 17.39 -42.56 8.79
N PRO B 41 17.88 -43.61 9.48
CA PRO B 41 17.90 -43.65 10.95
C PRO B 41 18.29 -42.28 11.54
N GLY B 42 17.35 -41.63 12.20
CA GLY B 42 17.65 -40.38 12.92
C GLY B 42 18.01 -39.19 12.04
N LYS B 43 17.53 -39.16 10.80
CA LYS B 43 17.71 -38.00 9.94
C LYS B 43 16.38 -37.48 9.42
N GLY B 44 16.35 -36.21 9.05
CA GLY B 44 15.19 -35.64 8.37
C GLY B 44 15.04 -36.11 6.93
N GLU B 45 13.81 -36.06 6.43
CA GLU B 45 13.54 -36.27 5.01
C GLU B 45 14.54 -35.52 4.14
N GLU B 46 14.99 -36.18 3.08
CA GLU B 46 15.83 -35.55 2.07
C GLU B 46 15.31 -35.96 0.70
N LEU B 47 15.24 -34.99 -0.20
CA LEU B 47 14.99 -35.23 -1.60
C LEU B 47 16.10 -36.10 -2.16
N VAL B 48 15.75 -37.17 -2.87
CA VAL B 48 16.75 -37.98 -3.50
C VAL B 48 16.88 -37.62 -4.99
N ALA B 49 15.76 -37.68 -5.69
CA ALA B 49 15.73 -37.36 -7.13
C ALA B 49 14.32 -36.98 -7.54
N ARG B 50 14.21 -36.14 -8.56
CA ARG B 50 12.90 -35.86 -9.15
C ARG B 50 12.96 -35.57 -10.64
N ILE B 51 11.82 -35.79 -11.28
CA ILE B 51 11.69 -35.54 -12.71
C ILE B 51 10.32 -34.91 -13.03
N TYR B 52 10.33 -33.90 -13.89
CA TYR B 52 9.11 -33.36 -14.51
C TYR B 52 8.92 -34.04 -15.84
N PRO B 53 8.03 -35.04 -15.92
CA PRO B 53 8.01 -35.84 -17.14
C PRO B 53 7.58 -35.08 -18.38
N THR B 54 7.01 -33.89 -18.23
CA THR B 54 6.62 -33.11 -19.40
C THR B 54 7.81 -32.72 -20.27
N ASN B 55 9.00 -32.59 -19.66
CA ASN B 55 10.20 -32.20 -20.42
C ASN B 55 11.47 -32.95 -20.00
N GLY B 56 11.39 -33.74 -18.93
CA GLY B 56 12.52 -34.56 -18.49
C GLY B 56 13.59 -33.79 -17.75
N TYR B 57 13.25 -32.61 -17.24
CA TYR B 57 14.11 -31.92 -16.26
C TYR B 57 14.17 -32.68 -14.93
N THR B 58 15.38 -32.89 -14.44
CA THR B 58 15.60 -33.72 -13.27
C THR B 58 16.34 -32.92 -12.22
N ARG B 59 16.24 -33.35 -10.96
CA ARG B 59 17.13 -32.85 -9.94
C ARG B 59 17.58 -33.98 -8.99
N TYR B 60 18.80 -33.88 -8.46
CA TYR B 60 19.38 -34.89 -7.58
C TYR B 60 19.97 -34.31 -6.29
N ALA B 61 19.83 -35.04 -5.19
CA ALA B 61 20.65 -34.80 -4.01
C ALA B 61 22.12 -34.79 -4.39
N ASP B 62 22.87 -33.87 -3.81
CA ASP B 62 24.30 -33.81 -4.02
C ASP B 62 25.00 -35.14 -3.70
N SER B 63 24.47 -35.90 -2.74
CA SER B 63 25.18 -37.11 -2.30
C SER B 63 25.02 -38.30 -3.23
N VAL B 64 24.12 -38.20 -4.21
CA VAL B 64 23.85 -39.30 -5.13
C VAL B 64 24.19 -38.96 -6.58
N LYS B 65 24.62 -37.74 -6.82
CA LYS B 65 25.04 -37.34 -8.18
C LYS B 65 26.08 -38.30 -8.72
N GLY B 66 25.86 -38.77 -9.94
CA GLY B 66 26.75 -39.73 -10.58
C GLY B 66 26.46 -41.21 -10.28
N ARG B 67 25.57 -41.48 -9.32
CA ARG B 67 25.30 -42.87 -8.94
C ARG B 67 23.84 -43.31 -9.23
N PHE B 68 22.89 -42.40 -9.01
CA PHE B 68 21.46 -42.70 -9.17
C PHE B 68 20.98 -42.03 -10.44
N THR B 69 19.96 -42.58 -11.08
CA THR B 69 19.42 -41.97 -12.29
C THR B 69 17.92 -42.17 -12.33
N ILE B 70 17.18 -41.07 -12.37
CA ILE B 70 15.74 -41.13 -12.41
C ILE B 70 15.29 -40.98 -13.85
N SER B 71 14.26 -41.74 -14.22
CA SER B 71 13.64 -41.61 -15.51
C SER B 71 12.15 -41.87 -15.38
N ALA B 72 11.41 -41.68 -16.46
CA ALA B 72 9.96 -41.89 -16.43
C ALA B 72 9.51 -42.42 -17.78
N ASP B 73 8.57 -43.36 -17.74
CA ASP B 73 7.87 -43.79 -18.95
C ASP B 73 6.43 -43.34 -18.88
N THR B 74 6.10 -42.28 -19.60
CA THR B 74 4.78 -41.65 -19.48
C THR B 74 3.63 -42.52 -19.99
N SER B 75 3.94 -43.45 -20.91
CA SER B 75 2.92 -44.37 -21.41
C SER B 75 2.54 -45.48 -20.41
N LYS B 76 3.34 -45.63 -19.36
CA LYS B 76 3.01 -46.57 -18.27
C LYS B 76 2.70 -45.81 -16.99
N ASN B 77 2.79 -44.49 -17.08
CA ASN B 77 2.53 -43.62 -15.95
C ASN B 77 3.40 -44.03 -14.75
N THR B 78 4.66 -44.38 -15.04
CA THR B 78 5.56 -44.97 -14.06
C THR B 78 6.92 -44.28 -14.08
N ALA B 79 7.47 -44.02 -12.90
CA ALA B 79 8.84 -43.51 -12.76
C ALA B 79 9.77 -44.59 -12.24
N TYR B 80 11.06 -44.44 -12.52
CA TYR B 80 12.08 -45.42 -12.13
C TYR B 80 13.26 -44.69 -11.51
N LEU B 81 13.89 -45.35 -10.54
CA LEU B 81 15.14 -44.87 -9.96
C LEU B 81 16.20 -45.98 -9.99
N GLN B 82 17.19 -45.82 -10.87
CA GLN B 82 18.32 -46.74 -10.92
C GLN B 82 19.36 -46.31 -9.89
N MET B 83 19.61 -47.16 -8.91
CA MET B 83 20.55 -46.80 -7.85
C MET B 83 21.86 -47.57 -7.98
N ASN B 84 22.92 -46.93 -8.47
CA ASN B 84 24.17 -47.66 -8.65
C ASN B 84 25.20 -47.36 -7.57
N SER B 85 26.15 -48.27 -7.38
CA SER B 85 27.28 -48.02 -6.51
C SER B 85 26.80 -47.60 -5.12
N LEU B 86 25.87 -48.39 -4.57
CA LEU B 86 25.29 -48.06 -3.29
C LEU B 86 26.34 -48.07 -2.16
N ARG B 87 26.16 -47.19 -1.17
CA ARG B 87 26.98 -47.14 0.06
C ARG B 87 26.13 -47.38 1.30
N ALA B 88 26.81 -47.53 2.43
CA ALA B 88 26.15 -47.80 3.71
C ALA B 88 25.19 -46.67 4.10
N GLU B 89 25.64 -45.43 3.91
CA GLU B 89 24.84 -44.24 4.19
C GLU B 89 23.56 -44.11 3.36
N ASP B 90 23.43 -44.89 2.29
CA ASP B 90 22.22 -44.81 1.50
C ASP B 90 21.09 -45.57 2.17
N THR B 91 21.43 -46.31 3.22
CA THR B 91 20.44 -47.10 3.94
C THR B 91 19.35 -46.18 4.47
N ALA B 92 18.13 -46.42 4.01
CA ALA B 92 16.98 -45.58 4.37
C ALA B 92 15.67 -46.24 3.96
N VAL B 93 14.55 -45.63 4.33
CA VAL B 93 13.30 -45.89 3.61
C VAL B 93 13.15 -44.84 2.51
N TYR B 94 12.92 -45.30 1.28
CA TYR B 94 12.77 -44.44 0.14
C TYR B 94 11.28 -44.33 -0.18
N TYR B 95 10.73 -43.12 -0.20
CA TYR B 95 9.33 -42.94 -0.59
C TYR B 95 9.19 -42.27 -1.95
N CYS B 96 8.40 -42.88 -2.82
CA CYS B 96 7.88 -42.22 -4.02
C CYS B 96 6.98 -41.06 -3.59
N TYR B 97 7.09 -39.94 -4.29
CA TYR B 97 6.20 -38.82 -4.02
C TYR B 97 5.85 -38.12 -5.34
N TYR B 98 4.78 -37.32 -5.31
CA TYR B 98 4.58 -36.34 -6.37
C TYR B 98 3.92 -35.12 -5.77
N HIS B 99 4.05 -34.01 -6.49
CA HIS B 99 3.14 -32.89 -6.37
C HIS B 99 2.86 -32.26 -7.73
N TYR B 100 1.67 -31.69 -7.88
CA TYR B 100 1.30 -31.05 -9.13
C TYR B 100 2.26 -29.92 -9.41
N TYR B 101 2.66 -29.81 -10.67
CA TYR B 101 3.54 -28.76 -11.10
C TYR B 101 2.84 -27.40 -11.00
N GLY B 102 3.53 -26.42 -10.42
CA GLY B 102 3.01 -25.08 -10.28
C GLY B 102 1.87 -25.03 -9.28
N TRP B 103 0.75 -24.43 -9.70
CA TRP B 103 -0.34 -24.10 -8.78
C TRP B 103 -1.45 -25.11 -8.95
N HIS B 104 -1.89 -25.70 -7.84
CA HIS B 104 -2.95 -26.69 -7.93
C HIS B 104 -4.25 -26.24 -7.28
N PRO B 105 -5.34 -26.25 -8.06
CA PRO B 105 -6.51 -25.50 -7.65
C PRO B 105 -7.18 -26.12 -6.44
N GLY B 106 -7.57 -25.28 -5.49
CA GLY B 106 -8.50 -25.69 -4.45
C GLY B 106 -7.86 -26.39 -3.26
N TYR B 107 -8.63 -27.31 -2.68
CA TYR B 107 -8.38 -27.78 -1.32
C TYR B 107 -8.02 -29.25 -1.36
N GLY B 108 -8.15 -29.85 -2.54
CA GLY B 108 -7.78 -31.25 -2.71
C GLY B 108 -6.28 -31.48 -2.56
N LEU B 109 -5.89 -32.74 -2.57
CA LEU B 109 -4.54 -33.15 -2.29
C LEU B 109 -3.59 -32.78 -3.44
N SER B 110 -2.58 -31.95 -3.18
CA SER B 110 -1.67 -31.50 -4.23
C SER B 110 -0.30 -32.22 -4.24
N TYR B 111 0.01 -32.86 -3.11
CA TYR B 111 1.31 -33.49 -2.84
C TYR B 111 1.03 -34.77 -2.08
N SER B 112 1.64 -35.87 -2.50
CA SER B 112 1.45 -37.13 -1.78
C SER B 112 2.62 -38.08 -1.93
N SER B 113 2.65 -39.11 -1.11
CA SER B 113 3.74 -40.07 -1.15
C SER B 113 3.31 -41.46 -0.73
N GLY B 114 4.15 -42.43 -1.04
CA GLY B 114 3.77 -43.83 -0.88
C GLY B 114 4.08 -44.41 0.49
N GLN B 115 3.85 -45.71 0.58
CA GLN B 115 4.17 -46.50 1.77
C GLN B 115 5.68 -46.53 2.09
N GLY B 116 6.50 -46.56 1.05
CA GLY B 116 7.96 -46.63 1.21
C GLY B 116 8.53 -47.98 0.81
N THR B 117 9.74 -48.00 0.27
CA THR B 117 10.47 -49.27 0.14
C THR B 117 11.76 -49.21 0.94
N LEU B 118 12.06 -50.28 1.67
CA LEU B 118 13.30 -50.34 2.41
C LEU B 118 14.51 -50.63 1.52
N VAL B 119 15.59 -49.87 1.70
CA VAL B 119 16.86 -50.14 1.05
C VAL B 119 17.96 -50.26 2.10
N THR B 120 18.56 -51.45 2.19
CA THR B 120 19.65 -51.68 3.14
C THR B 120 20.97 -51.93 2.43
N VAL B 121 22.04 -51.35 2.93
CA VAL B 121 23.36 -51.58 2.34
C VAL B 121 24.35 -52.03 3.42
N SER B 122 24.65 -53.33 3.44
CA SER B 122 25.40 -53.97 4.55
C SER B 122 26.52 -54.87 4.06
N SER B 123 27.44 -55.16 4.98
CA SER B 123 28.62 -55.98 4.70
C SER B 123 29.70 -55.19 3.97
N HIS C 6 1.57 -34.99 5.63
CA HIS C 6 2.36 -33.87 5.05
C HIS C 6 1.68 -32.55 5.42
N GLU C 7 2.39 -31.72 6.18
CA GLU C 7 1.86 -30.42 6.59
C GLU C 7 1.68 -29.52 5.37
N VAL C 8 0.57 -28.80 5.34
CA VAL C 8 0.37 -27.73 4.36
C VAL C 8 0.28 -26.43 5.13
N VAL C 9 1.15 -25.48 4.80
CA VAL C 9 1.15 -24.21 5.49
C VAL C 9 -0.10 -23.42 5.06
N LYS C 10 -0.93 -23.05 6.04
CA LYS C 10 -2.17 -22.33 5.78
C LYS C 10 -1.89 -20.98 5.13
N PHE C 11 -2.80 -20.55 4.27
CA PHE C 11 -2.62 -19.29 3.54
C PHE C 11 -2.26 -18.12 4.44
N MET C 12 -2.99 -17.98 5.56
CA MET C 12 -2.83 -16.77 6.38
C MET C 12 -1.48 -16.72 7.09
N ASP C 13 -0.96 -17.89 7.46
CA ASP C 13 0.42 -17.99 7.95
C ASP C 13 1.46 -17.59 6.89
N VAL C 14 1.34 -18.12 5.67
CA VAL C 14 2.28 -17.73 4.60
C VAL C 14 2.19 -16.24 4.37
N TYR C 15 0.95 -15.77 4.23
CA TYR C 15 0.68 -14.37 3.99
C TYR C 15 1.35 -13.50 5.05
N GLN C 16 1.14 -13.82 6.32
CA GLN C 16 1.69 -12.99 7.39
C GLN C 16 3.22 -12.94 7.39
N ARG C 17 3.85 -14.07 7.11
CA ARG C 17 5.31 -14.18 7.25
C ARG C 17 6.04 -13.67 6.01
N SER C 18 5.30 -13.56 4.91
CA SER C 18 5.80 -13.08 3.64
C SER C 18 5.91 -11.56 3.58
N TYR C 19 4.99 -10.89 4.25
CA TYR C 19 4.79 -9.47 4.02
C TYR C 19 5.99 -8.61 4.45
N CYS C 20 6.33 -7.66 3.59
CA CYS C 20 7.32 -6.60 3.91
C CYS C 20 7.58 -6.37 5.40
N HIS C 21 8.83 -6.56 5.80
CA HIS C 21 9.28 -6.25 7.17
C HIS C 21 10.79 -6.44 7.25
N PRO C 22 11.41 -5.88 8.30
CA PRO C 22 12.86 -6.05 8.50
C PRO C 22 13.22 -7.49 8.81
N ILE C 23 14.15 -8.06 8.05
CA ILE C 23 14.55 -9.45 8.26
C ILE C 23 16.08 -9.62 8.15
N GLU C 24 16.63 -10.53 8.95
CA GLU C 24 18.08 -10.72 8.92
C GLU C 24 18.53 -11.11 7.53
N THR C 25 19.53 -10.38 7.06
CA THR C 25 19.97 -10.46 5.68
C THR C 25 21.49 -10.41 5.69
N LEU C 26 22.12 -11.27 4.91
CA LEU C 26 23.58 -11.32 4.87
C LEU C 26 24.04 -10.57 3.65
N VAL C 27 24.79 -9.50 3.87
CA VAL C 27 24.99 -8.46 2.88
C VAL C 27 26.47 -8.36 2.59
N ASP C 28 26.85 -8.33 1.31
CA ASP C 28 28.25 -8.23 0.99
C ASP C 28 28.76 -6.86 1.39
N ILE C 29 29.90 -6.83 2.07
CA ILE C 29 30.49 -5.57 2.49
C ILE C 29 30.77 -4.61 1.32
N PHE C 30 31.03 -5.15 0.13
CA PHE C 30 31.29 -4.30 -1.03
C PHE C 30 30.04 -3.64 -1.60
N GLN C 31 28.88 -4.21 -1.33
CA GLN C 31 27.61 -3.53 -1.60
C GLN C 31 27.57 -2.21 -0.84
N GLU C 32 28.04 -2.22 0.41
CA GLU C 32 27.90 -1.06 1.28
C GLU C 32 29.06 -0.08 1.13
N TYR C 33 30.24 -0.58 0.76
CA TYR C 33 31.44 0.25 0.67
C TYR C 33 32.30 -0.10 -0.54
N PRO C 34 31.79 0.18 -1.75
CA PRO C 34 32.44 -0.23 -3.00
C PRO C 34 33.87 0.31 -3.17
N ASP C 35 34.08 1.56 -2.79
CA ASP C 35 35.38 2.19 -3.00
C ASP C 35 36.45 1.60 -2.08
N GLU C 36 36.16 0.41 -1.54
CA GLU C 36 37.11 -0.29 -0.67
C GLU C 36 37.56 -1.65 -1.23
N ILE C 37 37.82 -1.68 -2.54
CA ILE C 37 37.91 -2.96 -3.25
C ILE C 37 39.31 -3.60 -3.27
N GLU C 38 40.34 -2.84 -2.95
CA GLU C 38 41.70 -3.36 -3.05
C GLU C 38 42.18 -4.10 -1.79
N TYR C 39 41.26 -4.33 -0.85
CA TYR C 39 41.53 -5.21 0.29
C TYR C 39 40.52 -6.35 0.36
N ILE C 40 40.89 -7.41 1.05
CA ILE C 40 39.98 -8.48 1.39
C ILE C 40 39.44 -8.20 2.79
N PHE C 41 38.14 -8.38 2.96
CA PHE C 41 37.54 -8.31 4.28
C PHE C 41 37.12 -9.69 4.73
N LYS C 42 37.30 -9.97 6.02
CA LYS C 42 36.85 -11.22 6.62
C LYS C 42 36.02 -10.90 7.86
N PRO C 43 34.77 -11.38 7.90
CA PRO C 43 34.13 -12.06 6.78
C PRO C 43 33.84 -11.09 5.65
N SER C 44 33.46 -11.58 4.49
CA SER C 44 33.25 -10.70 3.37
C SER C 44 31.80 -10.20 3.37
N CYS C 45 30.97 -10.79 4.22
CA CYS C 45 29.57 -10.41 4.29
C CYS C 45 29.14 -10.28 5.76
N VAL C 46 28.18 -9.40 6.04
CA VAL C 46 27.76 -9.14 7.42
C VAL C 46 26.28 -9.37 7.57
N PRO C 47 25.85 -9.72 8.80
CA PRO C 47 24.42 -9.89 9.07
C PRO C 47 23.75 -8.57 9.48
N LEU C 48 22.70 -8.17 8.75
CA LEU C 48 22.04 -6.88 8.98
C LEU C 48 20.54 -7.04 8.80
N MET C 49 19.77 -6.42 9.69
CA MET C 49 18.32 -6.31 9.50
C MET C 49 18.06 -5.44 8.28
N ARG C 50 17.33 -5.98 7.31
CA ARG C 50 17.03 -5.28 6.07
C ARG C 50 15.63 -5.60 5.57
N CYS C 51 14.92 -4.55 5.15
CA CYS C 51 13.59 -4.73 4.60
C CYS C 51 13.67 -5.81 3.54
N GLY C 52 12.81 -6.81 3.67
CA GLY C 52 12.63 -7.79 2.63
C GLY C 52 11.23 -8.34 2.73
N GLY C 53 10.84 -9.14 1.76
CA GLY C 53 9.48 -9.64 1.68
C GLY C 53 8.69 -9.05 0.54
N CYS C 54 7.40 -9.34 0.50
CA CYS C 54 6.56 -8.87 -0.59
C CYS C 54 5.44 -7.89 -0.21
N CYS C 55 5.05 -7.09 -1.20
CA CYS C 55 4.02 -6.08 -1.07
C CYS C 55 2.72 -6.56 -1.71
N ASN C 56 2.82 -7.66 -2.46
CA ASN C 56 1.69 -8.26 -3.17
C ASN C 56 1.02 -7.31 -4.17
N ASP C 57 1.87 -6.54 -4.86
CA ASP C 57 1.43 -5.56 -5.80
C ASP C 57 2.68 -5.14 -6.53
N GLU C 58 2.76 -5.40 -7.82
CA GLU C 58 4.03 -5.23 -8.50
C GLU C 58 4.43 -3.78 -8.61
N GLY C 59 3.47 -2.87 -8.43
CA GLY C 59 3.76 -1.44 -8.50
C GLY C 59 4.20 -0.83 -7.18
N LEU C 60 4.22 -1.64 -6.13
CA LEU C 60 4.82 -1.26 -4.84
C LEU C 60 6.17 -1.96 -4.61
N GLU C 61 6.99 -1.37 -3.74
CA GLU C 61 8.18 -2.03 -3.26
C GLU C 61 8.41 -1.81 -1.76
N CYS C 62 9.04 -2.79 -1.14
CA CYS C 62 9.26 -2.78 0.28
C CYS C 62 10.53 -1.98 0.58
N VAL C 63 10.40 -0.89 1.35
CA VAL C 63 11.50 0.06 1.54
C VAL C 63 11.61 0.55 3.00
N PRO C 64 12.81 1.01 3.41
CA PRO C 64 13.00 1.39 4.81
C PRO C 64 12.43 2.76 5.12
N THR C 65 11.73 2.89 6.26
CA THR C 65 11.28 4.19 6.72
C THR C 65 11.92 4.63 8.03
N GLU C 66 12.64 3.72 8.68
CA GLU C 66 13.44 4.05 9.87
C GLU C 66 14.78 3.31 9.86
N GLU C 67 15.87 4.03 10.12
CA GLU C 67 17.18 3.42 10.10
C GLU C 67 18.01 3.75 11.35
N SER C 68 19.03 2.91 11.61
CA SER C 68 19.99 3.11 12.70
C SER C 68 21.36 2.55 12.32
N ASN C 69 22.38 2.90 13.09
CA ASN C 69 23.73 2.46 12.81
C ASN C 69 24.06 1.22 13.61
N ILE C 70 24.82 0.31 13.01
CA ILE C 70 25.48 -0.73 13.77
C ILE C 70 26.94 -0.86 13.38
N THR C 71 27.79 -1.01 14.40
CA THR C 71 29.24 -1.11 14.20
C THR C 71 29.77 -2.52 14.57
N MET C 72 30.69 -3.02 13.76
CA MET C 72 31.12 -4.42 13.80
C MET C 72 32.63 -4.50 13.67
N GLN C 73 33.25 -5.46 14.37
CA GLN C 73 34.68 -5.71 14.14
C GLN C 73 34.88 -6.50 12.85
N ILE C 74 35.66 -5.95 11.93
CA ILE C 74 35.94 -6.61 10.66
C ILE C 74 37.46 -6.70 10.41
N MET C 75 37.91 -7.82 9.85
CA MET C 75 39.31 -8.00 9.52
C MET C 75 39.59 -7.50 8.11
N ARG C 76 40.63 -6.69 7.97
CA ARG C 76 41.10 -6.30 6.64
C ARG C 76 42.43 -6.96 6.32
N ILE C 77 42.57 -7.44 5.09
CA ILE C 77 43.72 -8.21 4.71
C ILE C 77 44.47 -7.56 3.55
N LYS C 78 45.73 -7.25 3.80
CA LYS C 78 46.60 -6.73 2.75
C LYS C 78 47.55 -7.85 2.30
N PRO C 79 47.30 -8.44 1.12
CA PRO C 79 48.11 -9.58 0.68
C PRO C 79 49.60 -9.37 0.90
N HIS C 80 50.21 -10.22 1.71
CA HIS C 80 51.65 -10.18 1.95
C HIS C 80 52.05 -8.99 2.80
N GLN C 81 51.06 -8.21 3.24
CA GLN C 81 51.35 -6.97 3.94
C GLN C 81 50.64 -6.89 5.28
N GLY C 82 50.10 -8.02 5.73
CA GLY C 82 49.54 -8.09 7.07
C GLY C 82 48.02 -8.09 7.11
N GLN C 83 47.48 -8.40 8.29
CA GLN C 83 46.06 -8.30 8.52
C GLN C 83 45.76 -7.68 9.89
N HIS C 84 44.64 -6.97 9.96
CA HIS C 84 44.25 -6.35 11.21
C HIS C 84 42.74 -6.29 11.36
N ILE C 85 42.30 -6.37 12.61
CA ILE C 85 40.90 -6.33 12.96
C ILE C 85 40.53 -4.93 13.42
N GLY C 86 39.83 -4.19 12.55
CA GLY C 86 39.27 -2.89 12.91
C GLY C 86 37.75 -2.87 12.99
N GLU C 87 37.16 -1.75 12.61
CA GLU C 87 35.74 -1.53 12.82
C GLU C 87 35.08 -0.90 11.62
N MET C 88 33.87 -1.37 11.32
CA MET C 88 33.06 -0.82 10.26
C MET C 88 31.62 -0.65 10.72
N SER C 89 30.94 0.33 10.13
CA SER C 89 29.60 0.70 10.54
C SER C 89 28.64 0.55 9.36
N PHE C 90 27.46 0.02 9.65
CA PHE C 90 26.49 -0.25 8.61
C PHE C 90 25.13 0.28 9.03
N LEU C 91 24.23 0.44 8.06
CA LEU C 91 22.85 0.75 8.43
C LEU C 91 21.97 -0.48 8.50
N GLN C 92 21.11 -0.49 9.52
CA GLN C 92 20.03 -1.44 9.61
C GLN C 92 18.69 -0.75 9.33
N HIS C 93 17.70 -1.54 8.98
CA HIS C 93 16.35 -1.05 8.78
C HIS C 93 15.50 -1.46 9.98
N ASN C 94 14.95 -0.48 10.69
CA ASN C 94 14.15 -0.76 11.87
C ASN C 94 12.69 -0.93 11.52
N LYS C 95 12.28 -0.38 10.38
CA LYS C 95 10.87 -0.38 9.97
C LYS C 95 10.77 -0.21 8.45
N CYS C 96 9.73 -0.78 7.86
CA CYS C 96 9.62 -0.87 6.39
C CYS C 96 8.21 -0.51 6.00
N GLU C 97 8.02 0.04 4.80
CA GLU C 97 6.69 0.19 4.25
C GLU C 97 6.68 -0.19 2.79
N CYS C 98 5.56 -0.70 2.33
CA CYS C 98 5.29 -0.82 0.90
C CYS C 98 4.94 0.55 0.27
N ARG C 99 5.80 1.04 -0.62
CA ARG C 99 5.61 2.30 -1.31
C ARG C 99 5.73 2.05 -2.82
N PRO C 100 5.11 2.93 -3.63
CA PRO C 100 5.10 2.78 -5.10
C PRO C 100 6.50 2.88 -5.68
N LYS C 101 6.76 2.17 -6.78
CA LYS C 101 8.09 2.18 -7.38
C LYS C 101 8.47 3.52 -8.01
N LYS C 102 9.77 3.74 -8.19
CA LYS C 102 10.33 5.05 -8.57
C LYS C 102 9.83 6.19 -7.67
N VAL D 2 39.46 14.28 21.68
CA VAL D 2 38.41 14.47 20.63
C VAL D 2 37.12 15.01 21.25
N GLN D 3 36.57 16.07 20.65
CA GLN D 3 35.34 16.68 21.19
C GLN D 3 34.25 17.00 20.16
N LEU D 4 33.02 16.79 20.57
CA LEU D 4 31.86 17.25 19.79
C LEU D 4 31.09 18.33 20.55
N VAL D 5 31.02 19.52 19.98
CA VAL D 5 30.32 20.64 20.60
C VAL D 5 29.03 20.97 19.87
N GLU D 6 27.90 20.73 20.52
CA GLU D 6 26.58 20.87 19.89
C GLU D 6 25.88 22.18 20.26
N SER D 7 25.61 23.00 19.26
CA SER D 7 24.90 24.27 19.46
C SER D 7 23.60 24.33 18.65
N GLY D 8 22.59 24.99 19.21
CA GLY D 8 21.23 24.99 18.67
C GLY D 8 20.26 24.34 19.64
N GLY D 9 18.99 24.27 19.23
CA GLY D 9 17.98 23.55 20.01
C GLY D 9 17.18 24.47 20.90
N GLY D 10 16.13 23.92 21.51
CA GLY D 10 15.16 24.72 22.25
C GLY D 10 13.73 24.41 21.85
N LEU D 11 12.81 25.31 22.20
CA LEU D 11 11.37 25.05 22.10
C LEU D 11 10.73 25.90 20.99
N VAL D 12 9.84 25.28 20.20
CA VAL D 12 9.16 25.98 19.11
C VAL D 12 7.70 25.56 18.94
N GLN D 13 6.88 26.47 18.42
CA GLN D 13 5.58 26.15 17.83
C GLN D 13 5.76 25.22 16.61
N PRO D 14 4.70 24.50 16.22
CA PRO D 14 4.70 23.87 14.90
C PRO D 14 4.87 24.91 13.78
N GLY D 15 5.42 24.47 12.65
CA GLY D 15 5.78 25.37 11.57
C GLY D 15 7.11 26.05 11.82
N GLY D 16 7.61 25.91 13.04
CA GLY D 16 8.82 26.60 13.46
C GLY D 16 10.11 26.05 12.86
N SER D 17 11.22 26.66 13.26
CA SER D 17 12.50 26.49 12.57
C SER D 17 13.63 26.38 13.59
N LEU D 18 14.71 25.67 13.23
CA LEU D 18 15.91 25.60 14.06
C LEU D 18 17.11 25.20 13.20
N ARG D 19 18.28 25.73 13.54
CA ARG D 19 19.53 25.27 12.98
C ARG D 19 20.35 24.60 14.08
N LEU D 20 20.55 23.29 13.95
CA LEU D 20 21.54 22.59 14.77
C LEU D 20 22.91 22.69 14.13
N SER D 21 23.94 22.72 14.97
CA SER D 21 25.31 22.61 14.51
C SER D 21 26.18 21.76 15.45
N CYS D 22 27.12 21.06 14.85
CA CYS D 22 27.98 20.12 15.56
C CYS D 22 29.42 20.39 15.11
N ALA D 23 30.19 20.99 16.00
CA ALA D 23 31.51 21.52 15.65
C ALA D 23 32.60 20.58 16.17
N ALA D 24 33.36 20.01 15.25
CA ALA D 24 34.21 18.88 15.59
C ALA D 24 35.69 19.25 15.71
N SER D 25 36.34 18.75 16.75
CA SER D 25 37.79 18.88 16.89
C SER D 25 38.43 17.53 17.19
N GLY D 26 39.72 17.40 16.90
CA GLY D 26 40.43 16.15 17.14
C GLY D 26 40.46 15.23 15.93
N PHE D 27 39.54 15.43 15.00
CA PHE D 27 39.47 14.61 13.79
C PHE D 27 38.88 15.41 12.63
N ASN D 28 39.18 14.96 11.41
CA ASN D 28 38.72 15.66 10.21
C ASN D 28 37.43 15.07 9.66
N ILE D 29 36.35 15.84 9.71
CA ILE D 29 35.03 15.37 9.32
C ILE D 29 34.96 14.99 7.84
N LYS D 30 36.05 15.21 7.12
CA LYS D 30 36.18 14.78 5.72
C LYS D 30 36.33 13.25 5.63
N ASP D 31 36.70 12.63 6.74
CA ASP D 31 37.01 11.20 6.78
C ASP D 31 35.84 10.36 7.27
N THR D 32 34.67 10.99 7.49
CA THR D 32 33.59 10.33 8.21
C THR D 32 32.20 10.55 7.61
N TYR D 33 31.26 9.69 8.00
CA TYR D 33 29.86 10.04 7.98
C TYR D 33 29.56 10.81 9.25
N ILE D 34 29.11 12.06 9.12
CA ILE D 34 28.70 12.85 10.29
C ILE D 34 27.26 13.32 10.15
N GLY D 35 26.50 13.27 11.24
CA GLY D 35 25.09 13.61 11.18
C GLY D 35 24.39 13.60 12.53
N TRP D 36 23.07 13.46 12.51
CA TRP D 36 22.31 13.31 13.73
C TRP D 36 21.48 12.03 13.77
N VAL D 37 21.37 11.46 14.97
CA VAL D 37 20.33 10.50 15.28
C VAL D 37 19.40 11.14 16.30
N ARG D 38 18.24 10.53 16.55
CA ARG D 38 17.31 11.08 17.54
C ARG D 38 16.57 10.01 18.33
N ARG D 39 16.23 10.37 19.57
CA ARG D 39 15.41 9.49 20.40
C ARG D 39 14.21 10.27 20.91
N ALA D 40 13.03 9.85 20.46
CA ALA D 40 11.78 10.33 21.01
C ALA D 40 11.50 9.60 22.31
N PRO D 41 10.61 10.16 23.15
CA PRO D 41 10.11 9.55 24.37
C PRO D 41 9.89 8.03 24.31
N GLY D 42 8.94 7.57 23.51
CA GLY D 42 8.53 6.17 23.56
C GLY D 42 9.43 5.18 22.83
N LYS D 43 10.55 5.65 22.29
CA LYS D 43 11.20 4.94 21.17
C LYS D 43 12.72 4.82 21.26
N GLY D 44 13.28 3.95 20.41
CA GLY D 44 14.74 3.87 20.25
C GLY D 44 15.25 4.76 19.14
N GLU D 45 16.57 4.91 19.06
CA GLU D 45 17.16 5.88 18.13
C GLU D 45 16.82 5.56 16.67
N GLU D 46 16.64 6.60 15.88
CA GLU D 46 16.64 6.46 14.44
C GLU D 46 17.60 7.46 13.84
N LEU D 47 18.17 7.13 12.69
CA LEU D 47 19.01 8.08 11.98
C LEU D 47 18.13 9.23 11.49
N VAL D 48 18.60 10.46 11.65
CA VAL D 48 17.87 11.60 11.14
C VAL D 48 18.47 12.07 9.83
N ALA D 49 19.79 12.27 9.82
CA ALA D 49 20.47 12.69 8.61
C ALA D 49 21.99 12.61 8.73
N ARG D 50 22.64 12.47 7.58
CA ARG D 50 24.08 12.31 7.53
C ARG D 50 24.65 12.79 6.18
N ILE D 51 25.89 13.23 6.20
CA ILE D 51 26.58 13.68 5.00
C ILE D 51 28.02 13.19 5.02
N TYR D 52 28.53 12.78 3.86
CA TYR D 52 29.94 12.47 3.70
C TYR D 52 30.67 13.71 3.17
N PRO D 53 31.31 14.47 4.08
CA PRO D 53 31.81 15.80 3.74
C PRO D 53 32.81 15.79 2.58
N THR D 54 33.27 14.62 2.18
CA THR D 54 34.08 14.48 0.96
C THR D 54 33.20 14.45 -0.28
N ASN D 55 32.02 13.85 -0.14
CA ASN D 55 31.10 13.66 -1.25
C ASN D 55 30.09 14.78 -1.29
N GLY D 56 29.71 15.26 -0.11
CA GLY D 56 28.43 15.94 0.08
C GLY D 56 27.22 15.04 -0.15
N TYR D 57 27.46 13.74 -0.33
CA TYR D 57 26.39 12.73 -0.39
C TYR D 57 25.64 12.68 0.95
N THR D 58 24.32 12.54 0.86
CA THR D 58 23.45 12.68 2.02
C THR D 58 22.46 11.53 2.13
N ARG D 59 21.96 11.31 3.35
CA ARG D 59 20.81 10.45 3.56
C ARG D 59 19.84 11.05 4.59
N TYR D 60 18.54 10.89 4.35
CA TYR D 60 17.52 11.40 5.27
C TYR D 60 16.60 10.29 5.72
N ALA D 61 16.12 10.39 6.96
CA ALA D 61 14.97 9.62 7.38
C ALA D 61 13.77 9.95 6.48
N ASP D 62 13.04 8.92 6.08
CA ASP D 62 11.83 9.12 5.32
C ASP D 62 11.00 10.29 5.87
N SER D 63 10.87 10.34 7.20
CA SER D 63 9.95 11.24 7.87
C SER D 63 10.37 12.72 7.82
N VAL D 64 11.61 13.00 7.45
CA VAL D 64 12.10 14.39 7.43
C VAL D 64 12.48 14.89 6.04
N LYS D 65 12.26 14.06 5.02
CA LYS D 65 12.64 14.43 3.65
C LYS D 65 11.88 15.66 3.18
N GLY D 66 12.61 16.64 2.65
CA GLY D 66 12.01 17.88 2.19
C GLY D 66 11.53 18.80 3.29
N ARG D 67 12.11 18.66 4.48
CA ARG D 67 11.93 19.64 5.54
C ARG D 67 13.30 19.96 6.15
N PHE D 68 14.11 18.91 6.34
CA PHE D 68 15.48 19.05 6.85
C PHE D 68 16.49 19.03 5.70
N THR D 69 17.55 19.80 5.87
CA THR D 69 18.72 19.70 5.02
C THR D 69 19.94 19.61 5.92
N ILE D 70 20.82 18.65 5.61
CA ILE D 70 22.12 18.59 6.26
C ILE D 70 23.20 19.12 5.34
N SER D 71 24.19 19.80 5.92
CA SER D 71 25.29 20.36 5.15
C SER D 71 26.54 20.51 6.02
N ALA D 72 27.70 20.49 5.38
CA ALA D 72 28.97 20.46 6.10
C ALA D 72 29.90 21.52 5.55
N ASP D 73 30.61 22.20 6.45
CA ASP D 73 31.60 23.20 6.06
C ASP D 73 32.98 22.74 6.57
N THR D 74 33.75 22.14 5.66
CA THR D 74 35.03 21.53 6.01
C THR D 74 36.00 22.60 6.51
N SER D 75 35.85 23.82 5.97
CA SER D 75 36.59 24.98 6.42
C SER D 75 36.58 25.13 7.94
N LYS D 76 35.39 25.23 8.52
CA LYS D 76 35.23 25.40 9.96
C LYS D 76 35.15 24.06 10.67
N ASN D 77 35.25 22.98 9.92
CA ASN D 77 35.17 21.62 10.46
C ASN D 77 33.87 21.35 11.21
N THR D 78 32.75 21.65 10.56
CA THR D 78 31.48 21.78 11.28
C THR D 78 30.28 21.35 10.44
N ALA D 79 29.26 20.82 11.11
CA ALA D 79 28.09 20.25 10.44
C ALA D 79 26.80 20.98 10.82
N TYR D 80 25.88 21.09 9.86
CA TYR D 80 24.66 21.84 10.04
C TYR D 80 23.42 21.05 9.65
N LEU D 81 22.42 21.10 10.51
CA LEU D 81 21.09 20.61 10.17
C LEU D 81 20.08 21.76 10.23
N GLN D 82 19.59 22.14 9.05
CA GLN D 82 18.47 23.06 8.92
C GLN D 82 17.14 22.31 9.13
N MET D 83 16.42 22.66 10.19
CA MET D 83 15.21 21.94 10.57
C MET D 83 13.95 22.78 10.33
N ASN D 84 13.37 22.69 9.14
CA ASN D 84 12.23 23.53 8.75
C ASN D 84 10.88 22.81 8.85
N SER D 85 9.81 23.58 9.05
CA SER D 85 8.46 23.03 8.92
C SER D 85 8.17 21.99 10.01
N LEU D 86 8.61 22.28 11.23
CA LEU D 86 8.68 21.28 12.30
C LEU D 86 7.30 20.77 12.73
N ARG D 87 7.24 19.50 13.13
CA ARG D 87 5.99 18.88 13.56
C ARG D 87 6.09 18.43 15.00
N ALA D 88 4.95 18.08 15.58
CA ALA D 88 4.88 17.55 16.94
C ALA D 88 5.76 16.33 17.11
N GLU D 89 5.73 15.43 16.13
CA GLU D 89 6.49 14.17 16.17
C GLU D 89 8.01 14.36 16.03
N ASP D 90 8.46 15.60 15.85
CA ASP D 90 9.88 15.86 15.75
C ASP D 90 10.49 16.15 17.12
N THR D 91 9.66 16.14 18.16
CA THR D 91 10.14 16.34 19.54
C THR D 91 11.04 15.20 19.96
N ALA D 92 12.30 15.51 20.24
CA ALA D 92 13.26 14.53 20.72
C ALA D 92 14.58 15.18 21.13
N VAL D 93 15.41 14.41 21.82
CA VAL D 93 16.84 14.71 21.94
C VAL D 93 17.56 14.34 20.64
N TYR D 94 18.37 15.26 20.13
CA TYR D 94 19.13 15.04 18.90
C TYR D 94 20.63 15.02 19.22
N TYR D 95 21.27 13.88 19.01
CA TYR D 95 22.73 13.77 19.17
C TYR D 95 23.39 13.74 17.81
N CYS D 96 24.37 14.62 17.58
CA CYS D 96 25.22 14.46 16.40
C CYS D 96 26.12 13.24 16.58
N TYR D 97 26.53 12.63 15.47
CA TYR D 97 27.37 11.44 15.51
C TYR D 97 28.36 11.46 14.36
N TYR D 98 29.37 10.60 14.46
CA TYR D 98 30.22 10.26 13.31
C TYR D 98 30.74 8.83 13.43
N HIS D 99 31.05 8.24 12.29
CA HIS D 99 31.99 7.13 12.22
C HIS D 99 32.82 7.29 10.95
N TYR D 100 34.11 6.92 11.04
CA TYR D 100 34.99 6.96 9.88
C TYR D 100 34.40 6.21 8.69
N TYR D 101 34.60 6.75 7.49
CA TYR D 101 34.14 6.08 6.26
C TYR D 101 34.84 4.73 6.10
N GLY D 102 34.09 3.76 5.58
CA GLY D 102 34.58 2.39 5.42
C GLY D 102 35.32 1.87 6.63
N TRP D 103 36.47 1.25 6.39
CA TRP D 103 37.19 0.48 7.42
C TRP D 103 38.12 1.40 8.21
N HIS D 104 38.16 1.20 9.52
CA HIS D 104 38.98 2.01 10.42
C HIS D 104 39.76 1.06 11.34
N PRO D 105 41.01 1.42 11.69
CA PRO D 105 41.85 0.49 12.43
C PRO D 105 41.37 0.18 13.84
N GLY D 106 41.88 -0.91 14.39
CA GLY D 106 42.16 -1.02 15.81
C GLY D 106 40.93 -1.27 16.68
N TYR D 107 40.96 -0.70 17.88
CA TYR D 107 39.92 -0.95 18.86
C TYR D 107 39.58 0.33 19.62
N GLY D 108 39.85 1.47 18.98
CA GLY D 108 39.62 2.77 19.61
C GLY D 108 38.16 3.22 19.54
N LEU D 109 37.95 4.45 19.09
CA LEU D 109 36.63 4.87 18.66
C LEU D 109 36.61 5.05 17.15
N SER D 110 35.79 4.28 16.47
CA SER D 110 35.46 4.55 15.06
C SER D 110 34.11 5.27 14.96
N TYR D 111 33.38 5.28 16.08
CA TYR D 111 32.00 5.75 16.13
C TYR D 111 31.74 6.48 17.46
N SER D 112 31.46 7.78 17.37
CA SER D 112 31.12 8.59 18.56
C SER D 112 29.84 9.40 18.36
N SER D 113 29.12 9.59 19.46
CA SER D 113 28.01 10.53 19.48
C SER D 113 28.16 11.55 20.62
N GLY D 114 27.53 12.71 20.47
CA GLY D 114 27.58 13.77 21.49
C GLY D 114 26.55 13.59 22.59
N GLN D 115 26.53 14.53 23.54
CA GLN D 115 25.59 14.48 24.67
C GLN D 115 24.16 14.81 24.29
N GLY D 116 23.98 15.54 23.20
CA GLY D 116 22.66 15.77 22.64
C GLY D 116 22.04 17.09 23.04
N THR D 117 21.05 17.52 22.28
CA THR D 117 20.36 18.78 22.50
C THR D 117 18.86 18.54 22.36
N LEU D 118 18.08 19.05 23.31
CA LEU D 118 16.65 18.80 23.32
C LEU D 118 15.95 19.59 22.22
N VAL D 119 15.00 18.96 21.54
CA VAL D 119 14.13 19.67 20.62
C VAL D 119 12.67 19.46 20.98
N THR D 120 11.98 20.56 21.24
CA THR D 120 10.57 20.50 21.63
C THR D 120 9.70 21.25 20.63
N VAL D 121 8.60 20.61 20.23
CA VAL D 121 7.63 21.22 19.36
C VAL D 121 6.24 20.98 19.94
N SER D 122 5.70 22.01 20.59
CA SER D 122 4.33 21.99 21.09
C SER D 122 3.32 22.25 19.98
N HIS E 6 -19.77 19.73 23.06
CA HIS E 6 -20.24 19.14 21.77
C HIS E 6 -21.01 20.17 20.93
N GLU E 7 -20.50 20.46 19.74
CA GLU E 7 -20.96 21.60 18.95
C GLU E 7 -22.19 21.25 18.10
N VAL E 8 -23.08 22.21 17.93
CA VAL E 8 -24.09 22.13 16.88
C VAL E 8 -23.69 23.05 15.73
N VAL E 9 -23.71 22.52 14.51
CA VAL E 9 -23.42 23.36 13.35
C VAL E 9 -24.65 24.20 13.02
N LYS E 10 -24.43 25.50 12.82
CA LYS E 10 -25.51 26.47 12.62
C LYS E 10 -26.11 26.34 11.23
N PHE E 11 -27.38 26.74 11.10
CA PHE E 11 -28.13 26.50 9.88
C PHE E 11 -27.39 27.10 8.68
N MET E 12 -27.11 28.39 8.76
CA MET E 12 -26.52 29.13 7.64
C MET E 12 -25.26 28.45 7.12
N ASP E 13 -24.38 28.06 8.03
CA ASP E 13 -23.21 27.27 7.71
C ASP E 13 -23.52 26.02 6.89
N VAL E 14 -24.38 25.16 7.43
CA VAL E 14 -24.75 23.91 6.79
C VAL E 14 -25.31 24.24 5.41
N TYR E 15 -26.14 25.27 5.36
CA TYR E 15 -26.82 25.65 4.13
C TYR E 15 -25.83 26.11 3.04
N GLN E 16 -24.91 27.00 3.42
CA GLN E 16 -23.92 27.53 2.48
C GLN E 16 -22.90 26.50 2.04
N ARG E 17 -22.59 25.55 2.92
CA ARG E 17 -21.57 24.53 2.65
C ARG E 17 -22.08 23.35 1.81
N SER E 18 -23.39 23.12 1.81
CA SER E 18 -23.91 21.95 1.13
C SER E 18 -24.44 22.31 -0.26
N TYR E 19 -24.54 23.61 -0.55
CA TYR E 19 -25.07 24.05 -1.84
C TYR E 19 -24.16 23.74 -3.03
N CYS E 20 -24.81 23.43 -4.15
CA CYS E 20 -24.20 23.03 -5.42
C CYS E 20 -22.95 23.82 -5.79
N HIS E 21 -21.82 23.13 -5.89
CA HIS E 21 -20.55 23.81 -6.18
C HIS E 21 -19.48 22.76 -6.49
N PRO E 22 -18.38 23.16 -7.13
CA PRO E 22 -17.43 22.13 -7.53
C PRO E 22 -16.71 21.62 -6.27
N ILE E 23 -16.66 20.31 -6.07
CA ILE E 23 -16.00 19.78 -4.91
C ILE E 23 -15.04 18.65 -5.25
N GLU E 24 -13.92 18.58 -4.54
CA GLU E 24 -12.97 17.48 -4.80
C GLU E 24 -13.61 16.11 -4.62
N THR E 25 -13.48 15.27 -5.62
CA THR E 25 -14.22 14.04 -5.69
C THR E 25 -13.24 12.99 -6.21
N LEU E 26 -13.29 11.80 -5.65
CA LEU E 26 -12.38 10.72 -6.02
C LEU E 26 -13.08 9.79 -6.98
N VAL E 27 -12.54 9.67 -8.18
CA VAL E 27 -13.29 9.14 -9.29
C VAL E 27 -12.57 7.94 -9.87
N ASP E 28 -13.26 6.81 -9.84
CA ASP E 28 -12.76 5.60 -10.47
C ASP E 28 -12.42 5.83 -11.94
N ILE E 29 -11.14 5.63 -12.25
CA ILE E 29 -10.65 5.72 -13.61
C ILE E 29 -11.51 4.98 -14.64
N PHE E 30 -11.94 3.77 -14.29
CA PHE E 30 -12.76 2.94 -15.18
C PHE E 30 -14.15 3.53 -15.47
N GLN E 31 -14.66 4.36 -14.57
CA GLN E 31 -15.83 5.20 -14.87
C GLN E 31 -15.56 6.12 -16.07
N GLU E 32 -14.36 6.70 -16.10
CA GLU E 32 -13.98 7.68 -17.11
C GLU E 32 -13.64 7.03 -18.43
N TYR E 33 -13.03 5.86 -18.35
CA TYR E 33 -12.61 5.14 -19.54
C TYR E 33 -13.02 3.68 -19.53
N PRO E 34 -14.33 3.42 -19.66
CA PRO E 34 -14.89 2.07 -19.48
C PRO E 34 -14.27 1.06 -20.44
N ASP E 35 -13.89 1.51 -21.63
CA ASP E 35 -13.29 0.64 -22.62
C ASP E 35 -11.80 0.36 -22.36
N GLU E 36 -11.33 0.71 -21.16
CA GLU E 36 -9.94 0.46 -20.79
C GLU E 36 -9.84 -0.64 -19.73
N ILE E 37 -10.92 -1.40 -19.61
CA ILE E 37 -11.15 -2.29 -18.48
C ILE E 37 -10.14 -3.46 -18.35
N GLU E 38 -9.42 -3.74 -19.44
CA GLU E 38 -8.41 -4.80 -19.42
C GLU E 38 -7.30 -4.60 -18.39
N TYR E 39 -6.99 -3.34 -18.06
CA TYR E 39 -5.68 -2.95 -17.53
C TYR E 39 -5.61 -2.82 -15.99
N ILE E 40 -4.39 -2.83 -15.44
CA ILE E 40 -4.18 -2.40 -14.06
C ILE E 40 -3.53 -1.01 -13.99
N PHE E 41 -4.21 -0.11 -13.29
CA PHE E 41 -3.71 1.26 -13.08
C PHE E 41 -3.51 1.48 -11.61
N LYS E 42 -2.48 2.25 -11.27
CA LYS E 42 -2.29 2.72 -9.93
C LYS E 42 -2.03 4.23 -9.96
N PRO E 43 -2.80 5.00 -9.20
CA PRO E 43 -3.95 4.56 -8.44
C PRO E 43 -5.09 4.25 -9.40
N SER E 44 -6.10 3.53 -8.95
CA SER E 44 -7.23 3.17 -9.80
C SER E 44 -8.34 4.23 -9.70
N CYS E 45 -8.11 5.25 -8.89
CA CYS E 45 -9.00 6.39 -8.85
C CYS E 45 -8.20 7.69 -8.78
N VAL E 46 -8.78 8.77 -9.29
CA VAL E 46 -8.13 10.10 -9.28
C VAL E 46 -8.99 11.16 -8.60
N PRO E 47 -8.35 12.19 -8.04
CA PRO E 47 -9.03 13.33 -7.44
C PRO E 47 -9.37 14.41 -8.48
N LEU E 48 -10.66 14.70 -8.63
CA LEU E 48 -11.13 15.62 -9.65
C LEU E 48 -12.13 16.57 -9.00
N MET E 49 -12.15 17.82 -9.42
CA MET E 49 -13.20 18.75 -9.05
C MET E 49 -14.46 18.38 -9.83
N ARG E 50 -15.56 18.17 -9.13
CA ARG E 50 -16.80 17.75 -9.76
C ARG E 50 -17.92 18.36 -8.96
N CYS E 51 -18.99 18.76 -9.66
CA CYS E 51 -20.19 19.31 -9.05
C CYS E 51 -20.75 18.30 -8.05
N GLY E 52 -20.98 18.76 -6.82
CA GLY E 52 -21.68 17.98 -5.82
C GLY E 52 -22.47 18.90 -4.91
N GLY E 53 -23.11 18.33 -3.90
CA GLY E 53 -23.98 19.12 -3.05
C GLY E 53 -25.37 19.13 -3.62
N CYS E 54 -26.24 19.96 -3.06
CA CYS E 54 -27.67 19.84 -3.36
C CYS E 54 -28.25 21.17 -3.83
N CYS E 55 -29.40 21.09 -4.47
CA CYS E 55 -30.07 22.26 -5.00
C CYS E 55 -31.27 22.64 -4.15
N ASN E 56 -31.63 21.75 -3.24
CA ASN E 56 -32.74 21.98 -2.32
C ASN E 56 -34.04 22.21 -3.08
N ASP E 57 -34.15 21.47 -4.18
CA ASP E 57 -35.35 21.41 -4.97
C ASP E 57 -35.19 20.14 -5.81
N GLU E 58 -36.08 19.18 -5.61
CA GLU E 58 -35.98 17.90 -6.31
C GLU E 58 -36.19 18.00 -7.81
N GLY E 59 -36.70 19.15 -8.27
CA GLY E 59 -36.87 19.38 -9.70
C GLY E 59 -35.59 19.89 -10.36
N LEU E 60 -34.62 20.30 -9.54
CA LEU E 60 -33.31 20.73 -10.01
C LEU E 60 -32.19 19.71 -9.72
N GLU E 61 -31.15 19.76 -10.54
CA GLU E 61 -29.95 18.98 -10.30
C GLU E 61 -28.73 19.84 -10.53
N CYS E 62 -27.62 19.43 -9.93
CA CYS E 62 -26.41 20.24 -9.86
C CYS E 62 -25.51 19.79 -11.00
N VAL E 63 -25.39 20.62 -12.03
CA VAL E 63 -24.71 20.21 -13.26
C VAL E 63 -23.56 21.18 -13.58
N PRO E 64 -22.54 20.70 -14.30
CA PRO E 64 -21.40 21.54 -14.65
C PRO E 64 -21.78 22.47 -15.80
N THR E 65 -21.32 23.71 -15.77
CA THR E 65 -21.61 24.62 -16.88
C THR E 65 -20.32 25.15 -17.46
N GLU E 66 -19.22 24.62 -16.95
CA GLU E 66 -17.90 25.02 -17.40
C GLU E 66 -16.92 23.95 -16.95
N GLU E 67 -16.13 23.46 -17.90
CA GLU E 67 -15.25 22.33 -17.66
C GLU E 67 -13.90 22.56 -18.31
N SER E 68 -12.88 21.86 -17.79
CA SER E 68 -11.53 21.87 -18.33
C SER E 68 -10.81 20.54 -18.15
N ASN E 69 -9.79 20.35 -18.98
CA ASN E 69 -9.02 19.14 -19.02
C ASN E 69 -8.00 19.24 -17.90
N ILE E 70 -7.64 18.10 -17.32
CA ILE E 70 -6.44 18.03 -16.50
C ILE E 70 -5.76 16.70 -16.75
N THR E 71 -4.42 16.72 -16.85
CA THR E 71 -3.64 15.54 -17.16
C THR E 71 -2.83 15.08 -15.95
N MET E 72 -2.77 13.77 -15.75
CA MET E 72 -2.18 13.18 -14.54
C MET E 72 -1.25 12.00 -14.85
N GLN E 73 -0.17 11.87 -14.08
CA GLN E 73 0.64 10.66 -14.20
C GLN E 73 -0.05 9.47 -13.55
N ILE E 74 -0.24 8.42 -14.32
CA ILE E 74 -0.85 7.18 -13.84
C ILE E 74 0.10 6.04 -14.18
N MET E 75 0.29 5.12 -13.24
CA MET E 75 1.12 3.93 -13.45
C MET E 75 0.27 2.83 -14.08
N ARG E 76 0.81 2.20 -15.12
CA ARG E 76 0.21 0.97 -15.64
C ARG E 76 1.07 -0.25 -15.32
N ILE E 77 0.40 -1.30 -14.84
CA ILE E 77 1.08 -2.52 -14.45
C ILE E 77 0.64 -3.68 -15.33
N LYS E 78 1.59 -4.30 -16.01
CA LYS E 78 1.35 -5.61 -16.61
C LYS E 78 2.09 -6.71 -15.85
N PRO E 79 1.33 -7.67 -15.33
CA PRO E 79 1.81 -8.69 -14.39
C PRO E 79 3.01 -9.43 -14.97
N HIS E 80 4.13 -9.40 -14.26
CA HIS E 80 5.37 -10.07 -14.69
C HIS E 80 6.05 -9.37 -15.88
N GLN E 81 5.48 -8.25 -16.33
CA GLN E 81 6.05 -7.55 -17.48
C GLN E 81 6.38 -6.10 -17.21
N GLY E 82 6.68 -5.77 -15.96
CA GLY E 82 7.03 -4.40 -15.61
C GLY E 82 5.88 -3.42 -15.45
N GLN E 83 6.25 -2.20 -15.11
CA GLN E 83 5.27 -1.19 -14.82
C GLN E 83 5.80 0.15 -15.31
N HIS E 84 4.90 0.96 -15.85
CA HIS E 84 5.31 2.23 -16.43
C HIS E 84 4.44 3.39 -15.99
N ILE E 85 5.08 4.53 -15.77
CA ILE E 85 4.35 5.73 -15.45
C ILE E 85 4.05 6.53 -16.69
N GLY E 86 2.77 6.57 -17.07
CA GLY E 86 2.33 7.34 -18.21
C GLY E 86 1.36 8.43 -17.80
N GLU E 87 0.45 8.76 -18.73
CA GLU E 87 -0.41 9.93 -18.58
C GLU E 87 -1.83 9.66 -19.03
N MET E 88 -2.78 10.19 -18.26
CA MET E 88 -4.19 10.18 -18.62
C MET E 88 -4.77 11.59 -18.39
N SER E 89 -5.76 11.95 -19.21
CA SER E 89 -6.47 13.23 -19.09
C SER E 89 -7.94 13.05 -18.70
N PHE E 90 -8.43 13.98 -17.89
CA PHE E 90 -9.77 13.92 -17.34
C PHE E 90 -10.44 15.29 -17.43
N LEU E 91 -11.76 15.34 -17.33
CA LEU E 91 -12.47 16.61 -17.27
C LEU E 91 -12.70 17.01 -15.84
N GLN E 92 -12.45 18.28 -15.54
CA GLN E 92 -12.92 18.88 -14.29
C GLN E 92 -14.07 19.86 -14.48
N HIS E 93 -14.85 20.07 -13.41
CA HIS E 93 -15.93 21.05 -13.42
C HIS E 93 -15.45 22.33 -12.76
N ASN E 94 -15.38 23.41 -13.52
CA ASN E 94 -14.96 24.69 -13.01
C ASN E 94 -16.12 25.47 -12.42
N LYS E 95 -17.34 25.08 -12.78
CA LYS E 95 -18.50 25.87 -12.43
C LYS E 95 -19.77 25.03 -12.51
N CYS E 96 -20.68 25.24 -11.55
CA CYS E 96 -21.87 24.42 -11.42
C CYS E 96 -23.08 25.33 -11.27
N GLU E 97 -24.24 24.81 -11.62
CA GLU E 97 -25.48 25.53 -11.46
C GLU E 97 -26.62 24.56 -11.24
N CYS E 98 -27.65 25.03 -10.54
CA CYS E 98 -28.85 24.24 -10.43
C CYS E 98 -29.75 24.43 -11.65
N ARG E 99 -30.07 23.32 -12.30
CA ARG E 99 -30.90 23.29 -13.49
C ARG E 99 -32.00 22.26 -13.31
N PRO E 100 -33.17 22.50 -13.93
CA PRO E 100 -34.27 21.56 -13.98
C PRO E 100 -33.80 20.26 -14.58
N LYS E 101 -34.21 19.14 -13.98
CA LYS E 101 -33.94 17.82 -14.54
C LYS E 101 -34.63 17.62 -15.90
N LYS E 102 -34.16 16.64 -16.67
CA LYS E 102 -34.61 16.47 -18.06
C LYS E 102 -34.24 15.09 -18.60
N VAL F 2 4.90 15.88 -34.69
CA VAL F 2 3.44 16.21 -34.55
C VAL F 2 3.17 17.67 -34.87
N GLN F 3 2.25 17.92 -35.78
CA GLN F 3 1.78 19.31 -35.94
C GLN F 3 0.27 19.50 -36.04
N LEU F 4 -0.19 20.63 -35.52
CA LEU F 4 -1.59 21.07 -35.64
C LEU F 4 -1.69 22.34 -36.52
N VAL F 5 -2.33 22.24 -37.68
CA VAL F 5 -2.54 23.44 -38.50
C VAL F 5 -3.95 23.99 -38.32
N GLU F 6 -4.03 25.15 -37.67
CA GLU F 6 -5.33 25.74 -37.36
C GLU F 6 -5.68 26.78 -38.42
N SER F 7 -6.91 26.75 -38.91
CA SER F 7 -7.39 27.84 -39.76
C SER F 7 -8.81 28.33 -39.42
N GLY F 8 -9.10 29.58 -39.78
CA GLY F 8 -10.42 30.19 -39.56
C GLY F 8 -10.40 31.14 -38.40
N GLY F 9 -11.56 31.75 -38.09
CA GLY F 9 -11.64 32.70 -36.98
C GLY F 9 -11.49 34.14 -37.43
N GLY F 10 -11.21 35.03 -36.48
CA GLY F 10 -11.13 36.45 -36.81
C GLY F 10 -12.39 37.20 -36.45
N LEU F 11 -12.64 38.29 -37.17
CA LEU F 11 -13.69 39.24 -36.80
C LEU F 11 -15.01 38.72 -37.35
N VAL F 12 -16.08 38.91 -36.62
CA VAL F 12 -17.43 38.55 -37.10
C VAL F 12 -18.45 39.36 -36.35
N GLN F 13 -19.63 39.50 -36.93
CA GLN F 13 -20.73 40.21 -36.31
C GLN F 13 -21.63 39.33 -35.45
N PRO F 14 -22.16 39.89 -34.37
CA PRO F 14 -23.07 39.13 -33.52
C PRO F 14 -24.15 38.48 -34.38
N GLY F 15 -24.48 37.23 -34.07
CA GLY F 15 -25.49 36.50 -34.83
C GLY F 15 -24.89 35.79 -36.02
N GLY F 16 -23.66 36.16 -36.37
CA GLY F 16 -22.93 35.55 -37.47
C GLY F 16 -22.36 34.17 -37.14
N SER F 17 -21.48 33.67 -38.01
CA SER F 17 -20.95 32.33 -37.85
C SER F 17 -19.53 32.27 -38.35
N LEU F 18 -18.76 31.29 -37.84
CA LEU F 18 -17.40 31.03 -38.31
C LEU F 18 -17.16 29.51 -38.24
N ARG F 19 -16.30 29.02 -39.11
CA ARG F 19 -15.83 27.67 -38.96
C ARG F 19 -14.33 27.64 -38.65
N LEU F 20 -13.96 26.82 -37.68
CA LEU F 20 -12.55 26.56 -37.41
C LEU F 20 -12.20 25.17 -37.92
N SER F 21 -10.94 25.00 -38.30
CA SER F 21 -10.45 23.66 -38.60
C SER F 21 -9.06 23.41 -38.05
N CYS F 22 -8.79 22.13 -37.78
CA CYS F 22 -7.55 21.70 -37.17
C CYS F 22 -7.03 20.46 -37.91
N ALA F 23 -6.04 20.66 -38.76
CA ALA F 23 -5.48 19.55 -39.53
C ALA F 23 -4.30 18.94 -38.78
N ALA F 24 -4.44 17.68 -38.37
CA ALA F 24 -3.37 16.99 -37.62
C ALA F 24 -2.42 16.22 -38.51
N SER F 25 -1.13 16.30 -38.20
CA SER F 25 -0.14 15.43 -38.84
C SER F 25 0.86 14.90 -37.81
N GLY F 26 1.34 13.67 -38.02
CA GLY F 26 2.23 13.01 -37.06
C GLY F 26 1.54 12.03 -36.11
N PHE F 27 0.22 11.94 -36.21
CA PHE F 27 -0.53 10.97 -35.44
C PHE F 27 -1.90 10.81 -36.07
N ASN F 28 -2.69 9.89 -35.53
CA ASN F 28 -3.99 9.55 -36.09
C ASN F 28 -5.08 10.01 -35.12
N ILE F 29 -5.97 10.87 -35.58
CA ILE F 29 -6.95 11.49 -34.69
C ILE F 29 -7.93 10.48 -34.14
N LYS F 30 -8.04 9.34 -34.82
CA LYS F 30 -8.83 8.22 -34.30
C LYS F 30 -8.37 7.68 -32.93
N ASP F 31 -7.13 7.98 -32.54
CA ASP F 31 -6.58 7.47 -31.28
C ASP F 31 -6.78 8.49 -30.16
N THR F 32 -7.42 9.61 -30.48
CA THR F 32 -7.46 10.73 -29.56
C THR F 32 -8.89 11.25 -29.34
N TYR F 33 -9.10 11.91 -28.22
CA TYR F 33 -10.05 13.02 -28.18
C TYR F 33 -9.42 14.25 -28.78
N ILE F 34 -10.11 14.84 -29.76
CA ILE F 34 -9.67 16.09 -30.35
C ILE F 34 -10.80 17.12 -30.33
N GLY F 35 -10.45 18.36 -30.00
CA GLY F 35 -11.46 19.43 -29.88
C GLY F 35 -10.87 20.82 -29.74
N TRP F 36 -11.59 21.69 -29.03
CA TRP F 36 -11.17 23.07 -28.86
C TRP F 36 -11.40 23.48 -27.43
N VAL F 37 -10.48 24.27 -26.90
CA VAL F 37 -10.74 24.95 -25.66
C VAL F 37 -10.68 26.44 -26.01
N ARG F 38 -11.16 27.30 -25.11
CA ARG F 38 -11.04 28.74 -25.34
C ARG F 38 -10.63 29.49 -24.08
N ARG F 39 -9.96 30.61 -24.26
CA ARG F 39 -9.72 31.47 -23.13
C ARG F 39 -9.86 32.94 -23.43
N ALA F 40 -10.48 33.64 -22.49
CA ALA F 40 -10.68 35.07 -22.58
C ALA F 40 -10.06 35.73 -21.36
N PRO F 41 -9.61 36.98 -21.52
CA PRO F 41 -8.89 37.75 -20.52
C PRO F 41 -9.48 37.60 -19.13
N GLY F 42 -10.79 37.78 -19.03
CA GLY F 42 -11.49 37.50 -17.77
C GLY F 42 -11.13 36.14 -17.17
N LYS F 43 -11.42 35.07 -17.92
CA LYS F 43 -11.84 33.79 -17.36
C LYS F 43 -10.75 32.72 -17.29
N GLY F 44 -11.11 31.57 -16.73
CA GLY F 44 -10.31 30.35 -16.92
C GLY F 44 -10.58 29.69 -18.25
N GLU F 45 -9.59 28.97 -18.76
CA GLU F 45 -9.77 28.08 -19.89
C GLU F 45 -10.97 27.15 -19.68
N GLU F 46 -11.69 26.83 -20.76
CA GLU F 46 -12.77 25.85 -20.70
C GLU F 46 -12.84 25.07 -21.99
N LEU F 47 -13.26 23.81 -21.87
CA LEU F 47 -13.63 22.98 -22.99
C LEU F 47 -14.74 23.67 -23.78
N VAL F 48 -14.63 23.65 -25.11
CA VAL F 48 -15.70 24.14 -25.99
C VAL F 48 -16.44 22.96 -26.61
N ALA F 49 -15.69 22.06 -27.24
CA ALA F 49 -16.29 20.86 -27.82
C ALA F 49 -15.20 19.86 -28.07
N ARG F 50 -15.56 18.57 -28.14
CA ARG F 50 -14.59 17.53 -28.47
C ARG F 50 -15.29 16.36 -29.12
N ILE F 51 -14.52 15.60 -29.89
CA ILE F 51 -15.03 14.44 -30.58
C ILE F 51 -14.02 13.30 -30.48
N TYR F 52 -14.52 12.08 -30.35
CA TYR F 52 -13.69 10.88 -30.46
C TYR F 52 -13.88 10.31 -31.86
N PRO F 53 -12.94 10.58 -32.77
CA PRO F 53 -13.29 10.25 -34.15
C PRO F 53 -13.45 8.75 -34.38
N THR F 54 -13.06 7.92 -33.40
CA THR F 54 -13.23 6.47 -33.50
C THR F 54 -14.72 6.10 -33.62
N ASN F 55 -15.59 6.84 -32.95
CA ASN F 55 -17.01 6.51 -32.98
C ASN F 55 -17.92 7.74 -33.08
N GLY F 56 -17.34 8.92 -33.34
CA GLY F 56 -18.10 10.15 -33.49
C GLY F 56 -18.76 10.72 -32.23
N TYR F 57 -18.51 10.13 -31.07
CA TYR F 57 -19.05 10.69 -29.81
C TYR F 57 -18.52 12.10 -29.53
N THR F 58 -19.40 12.94 -28.96
CA THR F 58 -19.11 14.35 -28.81
C THR F 58 -19.52 14.85 -27.44
N ARG F 59 -19.05 16.04 -27.10
CA ARG F 59 -19.47 16.71 -25.89
C ARG F 59 -19.19 18.20 -26.11
N TYR F 60 -19.99 19.05 -25.45
CA TYR F 60 -20.03 20.48 -25.78
C TYR F 60 -20.07 21.24 -24.48
N ALA F 61 -19.44 22.42 -24.42
CA ALA F 61 -19.72 23.30 -23.29
C ALA F 61 -21.21 23.59 -23.24
N ASP F 62 -21.73 23.66 -22.03
CA ASP F 62 -23.09 24.05 -21.82
C ASP F 62 -23.51 25.29 -22.61
N SER F 63 -22.69 26.33 -22.58
CA SER F 63 -23.09 27.59 -23.16
C SER F 63 -23.04 27.65 -24.70
N VAL F 64 -22.63 26.56 -25.36
CA VAL F 64 -22.62 26.52 -26.84
C VAL F 64 -23.52 25.43 -27.43
N LYS F 65 -24.19 24.67 -26.57
CA LYS F 65 -25.15 23.68 -27.04
C LYS F 65 -26.18 24.31 -27.96
N GLY F 66 -26.45 23.63 -29.08
CA GLY F 66 -27.45 24.11 -30.04
C GLY F 66 -26.90 25.06 -31.09
N ARG F 67 -25.68 25.55 -30.88
CA ARG F 67 -25.12 26.58 -31.74
C ARG F 67 -23.82 26.10 -32.41
N PHE F 68 -22.99 25.34 -31.68
CA PHE F 68 -21.76 24.81 -32.24
C PHE F 68 -21.85 23.34 -32.64
N THR F 69 -21.11 22.96 -33.67
CA THR F 69 -21.08 21.57 -34.09
C THR F 69 -19.65 21.18 -34.44
N ILE F 70 -19.17 20.12 -33.80
CA ILE F 70 -17.83 19.61 -34.08
C ILE F 70 -17.98 18.33 -34.88
N SER F 71 -17.09 18.12 -35.84
CA SER F 71 -17.12 16.92 -36.66
C SER F 71 -15.67 16.60 -37.07
N ALA F 72 -15.47 15.46 -37.73
CA ALA F 72 -14.11 15.08 -38.09
C ALA F 72 -14.11 14.30 -39.38
N ASP F 73 -13.06 14.45 -40.15
CA ASP F 73 -12.93 13.72 -41.41
C ASP F 73 -11.61 12.98 -41.34
N THR F 74 -11.70 11.66 -41.10
CA THR F 74 -10.50 10.89 -40.76
C THR F 74 -9.63 10.69 -41.99
N SER F 75 -10.24 10.72 -43.17
CA SER F 75 -9.48 10.63 -44.41
C SER F 75 -8.58 11.84 -44.64
N LYS F 76 -8.88 12.95 -43.95
CA LYS F 76 -8.04 14.15 -44.06
C LYS F 76 -7.32 14.44 -42.74
N ASN F 77 -7.53 13.55 -41.77
CA ASN F 77 -6.97 13.73 -40.42
C ASN F 77 -7.28 15.11 -39.83
N THR F 78 -8.52 15.54 -40.01
CA THR F 78 -8.93 16.90 -39.73
C THR F 78 -10.24 16.96 -38.94
N ALA F 79 -10.26 17.82 -37.92
CA ALA F 79 -11.47 18.15 -37.18
C ALA F 79 -12.03 19.54 -37.54
N TYR F 80 -13.35 19.71 -37.40
CA TYR F 80 -14.03 20.97 -37.68
C TYR F 80 -14.94 21.41 -36.56
N LEU F 81 -14.95 22.72 -36.31
CA LEU F 81 -15.93 23.33 -35.43
C LEU F 81 -16.75 24.41 -36.17
N GLN F 82 -18.01 24.10 -36.41
CA GLN F 82 -18.91 25.07 -37.01
C GLN F 82 -19.62 25.85 -35.91
N MET F 83 -19.34 27.15 -35.84
CA MET F 83 -19.83 27.98 -34.74
C MET F 83 -20.92 28.95 -35.24
N ASN F 84 -22.16 28.68 -34.86
CA ASN F 84 -23.32 29.42 -35.36
C ASN F 84 -23.92 30.39 -34.31
N SER F 85 -24.58 31.44 -34.77
CA SER F 85 -25.25 32.40 -33.88
C SER F 85 -24.30 32.89 -32.80
N LEU F 86 -23.16 33.43 -33.23
CA LEU F 86 -22.15 33.91 -32.33
C LEU F 86 -22.62 35.13 -31.53
N ARG F 87 -22.14 35.21 -30.29
CA ARG F 87 -22.51 36.26 -29.34
C ARG F 87 -21.22 36.89 -28.83
N ALA F 88 -21.35 38.09 -28.25
CA ALA F 88 -20.25 38.80 -27.64
C ALA F 88 -19.43 37.90 -26.68
N GLU F 89 -20.12 37.09 -25.87
CA GLU F 89 -19.42 36.23 -24.90
C GLU F 89 -18.58 35.12 -25.51
N ASP F 90 -18.71 34.88 -26.80
CA ASP F 90 -17.92 33.84 -27.47
C ASP F 90 -16.56 34.40 -27.85
N THR F 91 -16.38 35.70 -27.65
CA THR F 91 -15.11 36.34 -27.95
C THR F 91 -13.97 35.73 -27.13
N ALA F 92 -12.96 35.21 -27.81
CA ALA F 92 -11.87 34.49 -27.12
C ALA F 92 -10.78 34.04 -28.08
N VAL F 93 -9.67 33.55 -27.54
CA VAL F 93 -8.77 32.72 -28.30
C VAL F 93 -9.23 31.27 -28.21
N TYR F 94 -9.43 30.64 -29.36
CA TYR F 94 -9.77 29.24 -29.45
C TYR F 94 -8.55 28.42 -29.83
N TYR F 95 -8.27 27.35 -29.08
CA TYR F 95 -7.11 26.49 -29.35
C TYR F 95 -7.56 25.07 -29.68
N CYS F 96 -7.11 24.56 -30.81
CA CYS F 96 -7.24 23.14 -31.11
C CYS F 96 -6.41 22.37 -30.08
N TYR F 97 -6.89 21.21 -29.66
CA TYR F 97 -6.12 20.33 -28.76
C TYR F 97 -6.52 18.86 -28.98
N TYR F 98 -5.69 17.96 -28.48
CA TYR F 98 -5.99 16.54 -28.44
C TYR F 98 -5.25 15.90 -27.28
N HIS F 99 -5.78 14.77 -26.83
CA HIS F 99 -5.01 13.88 -25.98
C HIS F 99 -5.42 12.49 -26.34
N TYR F 100 -4.43 11.58 -26.35
CA TYR F 100 -4.66 10.18 -26.61
C TYR F 100 -5.78 9.64 -25.75
N TYR F 101 -6.61 8.80 -26.35
CA TYR F 101 -7.63 8.11 -25.60
C TYR F 101 -6.96 7.30 -24.51
N GLY F 102 -7.52 7.38 -23.30
CA GLY F 102 -7.03 6.56 -22.19
C GLY F 102 -5.57 6.77 -21.86
N TRP F 103 -4.90 5.68 -21.53
CA TRP F 103 -3.56 5.74 -20.96
C TRP F 103 -2.55 5.84 -22.07
N HIS F 104 -1.61 6.75 -21.89
CA HIS F 104 -0.57 6.94 -22.86
C HIS F 104 0.77 6.95 -22.13
N PRO F 105 1.82 6.40 -22.75
CA PRO F 105 3.06 6.14 -22.04
C PRO F 105 3.96 7.36 -22.00
N GLY F 106 4.43 7.72 -20.82
CA GLY F 106 5.67 8.47 -20.72
C GLY F 106 5.51 9.97 -20.84
N TYR F 107 6.54 10.66 -20.33
CA TYR F 107 6.44 12.05 -19.92
C TYR F 107 6.39 12.97 -21.14
N GLY F 108 6.79 12.43 -22.30
CA GLY F 108 6.55 13.09 -23.58
C GLY F 108 5.17 13.74 -23.63
N LEU F 109 4.43 13.53 -24.70
CA LEU F 109 3.16 14.22 -24.79
C LEU F 109 1.95 13.39 -25.15
N SER F 110 1.18 13.10 -24.11
CA SER F 110 -0.17 12.55 -24.28
C SER F 110 -1.14 13.64 -24.77
N TYR F 111 -0.81 14.89 -24.49
CA TYR F 111 -1.75 15.99 -24.60
C TYR F 111 -1.01 17.17 -25.21
N SER F 112 -1.65 17.85 -26.15
CA SER F 112 -1.04 18.98 -26.83
C SER F 112 -2.11 19.92 -27.38
N SER F 113 -1.70 21.12 -27.75
CA SER F 113 -2.63 22.11 -28.26
C SER F 113 -1.89 23.06 -29.18
N GLY F 114 -2.63 23.73 -30.08
CA GLY F 114 -2.02 24.58 -31.10
C GLY F 114 -1.84 26.02 -30.66
N GLN F 115 -1.40 26.85 -31.59
CA GLN F 115 -1.12 28.26 -31.32
C GLN F 115 -2.40 29.03 -30.97
N GLY F 116 -3.53 28.59 -31.53
CA GLY F 116 -4.80 29.27 -31.31
C GLY F 116 -5.19 30.24 -32.41
N THR F 117 -6.49 30.54 -32.48
CA THR F 117 -7.03 31.52 -33.42
C THR F 117 -7.89 32.51 -32.63
N LEU F 118 -7.61 33.80 -32.77
CA LEU F 118 -8.45 34.84 -32.15
C LEU F 118 -9.83 34.86 -32.82
N VAL F 119 -10.88 34.88 -32.00
CA VAL F 119 -12.25 35.11 -32.45
C VAL F 119 -12.85 36.32 -31.71
N THR F 120 -13.25 37.38 -32.46
CA THR F 120 -13.90 38.58 -31.90
C THR F 120 -15.30 38.70 -32.44
N VAL F 121 -16.28 38.77 -31.56
CA VAL F 121 -17.65 38.96 -31.99
C VAL F 121 -18.06 40.38 -31.62
N SER F 122 -18.13 41.24 -32.63
CA SER F 122 -18.36 42.66 -32.37
C SER F 122 -19.02 43.40 -33.53
N SER F 123 -19.92 44.31 -33.17
CA SER F 123 -20.73 45.06 -34.14
C SER F 123 -19.87 45.98 -34.98
N HIS G 5 1.86 25.15 -22.65
CA HIS G 5 2.47 24.63 -21.39
C HIS G 5 1.42 24.04 -20.44
N HIS G 6 1.27 22.71 -20.52
CA HIS G 6 0.22 22.00 -19.83
C HIS G 6 0.82 21.37 -18.56
N GLU G 7 0.28 21.73 -17.41
CA GLU G 7 0.64 21.05 -16.17
C GLU G 7 0.31 19.55 -16.30
N VAL G 8 1.13 18.71 -15.69
CA VAL G 8 0.78 17.33 -15.44
C VAL G 8 0.97 17.07 -13.95
N VAL G 9 -0.10 16.68 -13.26
CA VAL G 9 0.00 16.33 -11.85
C VAL G 9 0.93 15.14 -11.67
N LYS G 10 1.95 15.32 -10.82
CA LYS G 10 2.95 14.29 -10.60
C LYS G 10 2.32 13.04 -9.99
N PHE G 11 2.83 11.89 -10.40
CA PHE G 11 2.32 10.61 -9.92
C PHE G 11 2.10 10.56 -8.40
N MET G 12 3.07 11.03 -7.62
CA MET G 12 2.99 10.87 -6.17
C MET G 12 1.91 11.71 -5.50
N ASP G 13 1.63 12.88 -6.08
CA ASP G 13 0.49 13.68 -5.65
C ASP G 13 -0.84 13.00 -5.98
N VAL G 14 -1.00 12.53 -7.20
CA VAL G 14 -2.19 11.74 -7.52
C VAL G 14 -2.36 10.60 -6.51
N TYR G 15 -1.25 9.93 -6.23
CA TYR G 15 -1.31 8.71 -5.44
C TYR G 15 -1.69 8.99 -3.99
N GLN G 16 -1.09 10.00 -3.37
CA GLN G 16 -1.42 10.32 -1.98
C GLN G 16 -2.85 10.78 -1.85
N ARG G 17 -3.30 11.56 -2.83
CA ARG G 17 -4.57 12.25 -2.71
C ARG G 17 -5.74 11.32 -2.96
N SER G 18 -5.49 10.19 -3.62
CA SER G 18 -6.57 9.29 -3.94
C SER G 18 -6.74 8.14 -2.96
N TYR G 19 -5.71 7.86 -2.15
CA TYR G 19 -5.74 6.67 -1.29
C TYR G 19 -6.84 6.77 -0.23
N CYS G 20 -7.53 5.65 0.00
CA CYS G 20 -8.52 5.55 1.07
C CYS G 20 -8.23 6.51 2.23
N HIS G 21 -9.19 7.41 2.48
CA HIS G 21 -9.12 8.31 3.61
C HIS G 21 -10.46 9.06 3.74
N PRO G 22 -10.66 9.79 4.86
CA PRO G 22 -11.90 10.52 5.07
C PRO G 22 -11.89 11.85 4.33
N ILE G 23 -12.98 12.14 3.64
CA ILE G 23 -13.03 13.32 2.79
C ILE G 23 -14.44 13.92 2.82
N GLU G 24 -14.52 15.25 2.74
CA GLU G 24 -15.82 15.88 2.82
C GLU G 24 -16.72 15.43 1.67
N THR G 25 -17.86 14.86 2.04
CA THR G 25 -18.77 14.19 1.12
C THR G 25 -20.13 14.82 1.42
N LEU G 26 -20.94 15.01 0.41
CA LEU G 26 -22.20 15.70 0.58
C LEU G 26 -23.32 14.67 0.53
N VAL G 27 -24.00 14.48 1.65
CA VAL G 27 -24.78 13.26 1.88
C VAL G 27 -26.27 13.57 2.06
N ASP G 28 -27.11 12.89 1.30
CA ASP G 28 -28.56 13.14 1.31
C ASP G 28 -29.20 12.76 2.65
N ILE G 29 -29.81 13.74 3.30
CA ILE G 29 -30.39 13.55 4.61
C ILE G 29 -31.45 12.46 4.60
N PHE G 30 -32.37 12.54 3.63
CA PHE G 30 -33.49 11.63 3.61
C PHE G 30 -33.01 10.19 3.56
N GLN G 31 -32.03 9.92 2.72
CA GLN G 31 -31.54 8.55 2.63
C GLN G 31 -31.00 8.01 3.96
N GLU G 32 -30.41 8.89 4.79
CA GLU G 32 -29.96 8.47 6.11
C GLU G 32 -31.14 8.25 7.04
N TYR G 33 -32.14 9.12 6.93
CA TYR G 33 -33.35 9.04 7.74
C TYR G 33 -34.60 8.99 6.87
N PRO G 34 -34.90 7.80 6.31
CA PRO G 34 -35.88 7.66 5.24
C PRO G 34 -37.31 7.45 5.75
N ASP G 35 -37.51 7.55 7.06
CA ASP G 35 -38.87 7.55 7.60
C ASP G 35 -39.52 8.89 7.24
N GLU G 36 -40.84 8.94 7.28
CA GLU G 36 -41.56 10.23 7.18
C GLU G 36 -41.43 10.86 5.79
N ILE G 37 -42.11 10.26 4.82
CA ILE G 37 -41.95 10.60 3.42
C ILE G 37 -42.65 11.91 3.04
N GLU G 38 -43.38 12.49 3.98
CA GLU G 38 -44.18 13.68 3.66
C GLU G 38 -43.43 14.98 3.92
N TYR G 39 -42.24 14.88 4.53
CA TYR G 39 -41.43 16.06 4.81
C TYR G 39 -40.16 16.10 3.95
N ILE G 40 -39.67 17.31 3.72
CA ILE G 40 -38.37 17.49 3.11
C ILE G 40 -37.47 18.28 4.04
N PHE G 41 -36.16 18.05 3.93
CA PHE G 41 -35.19 18.78 4.72
C PHE G 41 -34.52 19.85 3.89
N LYS G 42 -34.11 20.94 4.54
CA LYS G 42 -33.39 22.00 3.88
C LYS G 42 -32.25 22.46 4.78
N PRO G 43 -31.01 22.34 4.28
CA PRO G 43 -30.74 21.79 2.95
C PRO G 43 -31.07 20.30 2.91
N SER G 44 -31.16 19.72 1.73
CA SER G 44 -31.56 18.33 1.62
C SER G 44 -30.37 17.40 1.77
N CYS G 45 -29.17 17.99 1.79
CA CYS G 45 -27.94 17.22 1.94
C CYS G 45 -27.02 17.95 2.92
N VAL G 46 -26.09 17.21 3.54
CA VAL G 46 -25.16 17.81 4.49
C VAL G 46 -23.72 17.41 4.17
N PRO G 47 -22.76 18.24 4.60
CA PRO G 47 -21.35 17.92 4.48
C PRO G 47 -20.83 17.04 5.62
N LEU G 48 -20.37 15.85 5.29
CA LEU G 48 -19.85 14.92 6.27
C LEU G 48 -18.51 14.32 5.79
N MET G 49 -17.55 14.20 6.71
CA MET G 49 -16.36 13.40 6.46
C MET G 49 -16.73 11.93 6.35
N ARG G 50 -16.44 11.33 5.20
CA ARG G 50 -16.74 9.94 4.97
C ARG G 50 -15.58 9.31 4.21
N CYS G 51 -15.35 8.03 4.45
CA CYS G 51 -14.29 7.32 3.74
C CYS G 51 -14.52 7.37 2.24
N GLY G 52 -13.46 7.70 1.50
CA GLY G 52 -13.47 7.55 0.06
C GLY G 52 -12.07 7.48 -0.51
N GLY G 53 -11.99 7.16 -1.79
CA GLY G 53 -10.71 6.93 -2.44
C GLY G 53 -10.53 5.45 -2.67
N CYS G 54 -9.34 5.08 -3.08
CA CYS G 54 -9.13 3.74 -3.58
C CYS G 54 -8.04 3.02 -2.78
N CYS G 55 -8.00 1.71 -2.94
CA CYS G 55 -7.02 0.86 -2.31
C CYS G 55 -6.06 0.29 -3.37
N ASN G 56 -4.92 -0.23 -2.92
CA ASN G 56 -3.99 -0.80 -3.89
C ASN G 56 -4.54 -2.05 -4.57
N ASP G 57 -5.38 -2.79 -3.85
CA ASP G 57 -5.90 -4.06 -4.34
C ASP G 57 -7.42 -4.01 -4.55
N GLU G 58 -7.87 -4.42 -5.73
CA GLU G 58 -9.32 -4.52 -6.00
C GLU G 58 -10.02 -5.49 -5.07
N GLY G 59 -9.25 -6.37 -4.43
CA GLY G 59 -9.80 -7.24 -3.40
C GLY G 59 -10.28 -6.47 -2.18
N LEU G 60 -9.72 -5.27 -1.98
CA LEU G 60 -9.97 -4.50 -0.76
C LEU G 60 -10.99 -3.39 -1.00
N GLU G 61 -11.75 -3.04 0.03
CA GLU G 61 -12.61 -1.86 -0.05
C GLU G 61 -12.30 -0.87 1.07
N CYS G 62 -12.57 0.40 0.79
CA CYS G 62 -12.20 1.49 1.70
C CYS G 62 -13.33 1.71 2.70
N VAL G 63 -12.99 1.74 3.98
CA VAL G 63 -13.94 1.33 5.01
C VAL G 63 -13.69 2.01 6.35
N PRO G 64 -14.76 2.51 6.99
CA PRO G 64 -14.58 3.25 8.24
C PRO G 64 -14.24 2.31 9.40
N THR G 65 -13.28 2.69 10.22
CA THR G 65 -12.89 1.88 11.37
C THR G 65 -13.05 2.70 12.64
N GLU G 66 -13.56 3.91 12.47
CA GLU G 66 -13.71 4.81 13.59
C GLU G 66 -14.70 5.92 13.20
N GLU G 67 -15.74 6.09 14.01
CA GLU G 67 -16.79 7.06 13.72
C GLU G 67 -17.12 7.94 14.93
N SER G 68 -17.85 9.02 14.66
CA SER G 68 -18.28 9.96 15.69
C SER G 68 -19.48 10.76 15.21
N ASN G 69 -20.22 11.33 16.14
CA ASN G 69 -21.45 12.03 15.81
C ASN G 69 -21.20 13.51 15.56
N ILE G 70 -22.05 14.12 14.75
CA ILE G 70 -22.04 15.56 14.58
C ILE G 70 -23.47 16.03 14.46
N THR G 71 -23.76 17.19 15.05
CA THR G 71 -25.14 17.65 15.17
C THR G 71 -25.29 18.99 14.48
N MET G 72 -26.37 19.12 13.71
CA MET G 72 -26.56 20.27 12.85
C MET G 72 -27.99 20.81 12.92
N GLN G 73 -28.13 22.11 12.74
CA GLN G 73 -29.44 22.72 12.55
C GLN G 73 -29.93 22.46 11.14
N ILE G 74 -31.07 21.78 11.04
CA ILE G 74 -31.66 21.45 9.75
C ILE G 74 -33.12 21.85 9.73
N MET G 75 -33.55 22.44 8.63
CA MET G 75 -34.94 22.84 8.46
C MET G 75 -35.78 21.69 7.93
N ARG G 76 -36.98 21.53 8.48
CA ARG G 76 -37.97 20.61 7.91
C ARG G 76 -39.22 21.32 7.40
N ILE G 77 -39.79 20.80 6.32
CA ILE G 77 -40.86 21.46 5.57
C ILE G 77 -41.90 20.45 5.11
N LYS G 78 -43.16 20.69 5.44
CA LYS G 78 -44.27 20.05 4.72
C LYS G 78 -44.66 20.96 3.55
N PRO G 79 -44.59 20.43 2.32
CA PRO G 79 -44.81 21.21 1.10
C PRO G 79 -46.07 22.08 1.19
N HIS G 80 -45.90 23.39 1.00
CA HIS G 80 -46.99 24.36 1.08
C HIS G 80 -47.36 24.72 2.53
N GLN G 81 -46.51 24.37 3.48
CA GLN G 81 -46.89 24.50 4.90
C GLN G 81 -45.89 25.23 5.79
N GLY G 82 -44.72 25.56 5.25
CA GLY G 82 -43.76 26.37 5.99
C GLY G 82 -42.70 25.62 6.77
N GLN G 83 -41.58 26.29 7.01
CA GLN G 83 -40.37 25.66 7.51
C GLN G 83 -40.22 25.83 9.02
N HIS G 84 -39.66 24.81 9.68
CA HIS G 84 -39.30 24.90 11.08
C HIS G 84 -37.88 24.40 11.32
N ILE G 85 -37.10 25.19 12.05
CA ILE G 85 -35.74 24.81 12.41
C ILE G 85 -35.73 23.68 13.43
N GLY G 86 -34.78 22.77 13.28
CA GLY G 86 -34.61 21.68 14.23
C GLY G 86 -33.18 21.21 14.20
N GLU G 87 -32.93 20.02 14.74
CA GLU G 87 -31.59 19.46 14.83
C GLU G 87 -31.56 17.99 14.44
N MET G 88 -30.42 17.56 13.90
CA MET G 88 -30.22 16.18 13.45
C MET G 88 -28.78 15.77 13.69
N SER G 89 -28.55 14.50 13.99
CA SER G 89 -27.20 14.01 14.14
C SER G 89 -26.85 12.98 13.06
N PHE G 90 -25.59 12.96 12.67
CA PHE G 90 -25.12 12.07 11.61
C PHE G 90 -23.79 11.49 12.05
N LEU G 91 -23.42 10.35 11.49
CA LEU G 91 -22.10 9.77 11.72
C LEU G 91 -21.08 10.30 10.74
N GLN G 92 -19.90 10.64 11.25
CA GLN G 92 -18.74 10.92 10.41
C GLN G 92 -17.74 9.78 10.50
N HIS G 93 -16.77 9.77 9.60
CA HIS G 93 -15.71 8.77 9.62
C HIS G 93 -14.43 9.44 10.05
N ASN G 94 -13.90 9.00 11.19
CA ASN G 94 -12.67 9.58 11.74
C ASN G 94 -11.45 8.90 11.17
N LYS G 95 -11.63 7.68 10.68
CA LYS G 95 -10.54 6.85 10.24
C LYS G 95 -11.04 5.78 9.25
N CYS G 96 -10.21 5.47 8.26
CA CYS G 96 -10.59 4.58 7.18
C CYS G 96 -9.47 3.56 7.01
N GLU G 97 -9.80 2.38 6.50
CA GLU G 97 -8.78 1.41 6.20
C GLU G 97 -9.18 0.53 5.03
N CYS G 98 -8.19 0.10 4.27
CA CYS G 98 -8.42 -0.84 3.19
C CYS G 98 -8.56 -2.25 3.77
N ARG G 99 -9.77 -2.79 3.70
CA ARG G 99 -10.07 -4.12 4.24
C ARG G 99 -10.54 -5.05 3.14
N PRO G 100 -10.52 -6.37 3.40
CA PRO G 100 -11.03 -7.36 2.45
C PRO G 100 -12.55 -7.38 2.44
N LYS G 101 -13.15 -7.61 1.28
CA LYS G 101 -14.61 -7.65 1.15
C LYS G 101 -15.20 -8.92 1.75
N VAL H 2 -33.87 15.91 33.51
CA VAL H 2 -33.29 15.14 32.38
C VAL H 2 -31.91 14.56 32.74
N GLN H 3 -31.88 13.27 33.04
CA GLN H 3 -30.74 12.66 33.73
C GLN H 3 -30.23 11.38 33.08
N LEU H 4 -28.91 11.23 33.06
CA LEU H 4 -28.28 9.95 32.73
C LEU H 4 -27.46 9.43 33.90
N VAL H 5 -27.92 8.35 34.53
CA VAL H 5 -27.18 7.70 35.62
C VAL H 5 -26.48 6.44 35.12
N GLU H 6 -25.16 6.49 35.03
CA GLU H 6 -24.37 5.42 34.44
C GLU H 6 -23.77 4.54 35.52
N SER H 7 -23.56 3.27 35.20
CA SER H 7 -23.07 2.32 36.19
C SER H 7 -22.39 1.12 35.54
N GLY H 8 -21.72 0.30 36.36
CA GLY H 8 -20.81 -0.72 35.87
C GLY H 8 -19.46 -0.08 35.58
N GLY H 9 -18.51 -0.91 35.16
CA GLY H 9 -17.17 -0.41 34.87
C GLY H 9 -16.17 -0.80 35.95
N GLY H 10 -15.07 -0.07 36.01
CA GLY H 10 -13.96 -0.44 36.89
C GLY H 10 -12.93 -1.36 36.25
N LEU H 11 -12.42 -2.29 37.04
CA LEU H 11 -11.21 -2.99 36.69
C LEU H 11 -11.46 -4.48 36.48
N VAL H 12 -11.01 -4.98 35.34
CA VAL H 12 -11.26 -6.36 34.95
C VAL H 12 -10.00 -6.92 34.30
N GLN H 13 -9.92 -8.26 34.25
CA GLN H 13 -8.81 -8.94 33.60
C GLN H 13 -9.06 -9.12 32.10
N PRO H 14 -7.99 -9.03 31.29
CA PRO H 14 -8.04 -9.50 29.91
C PRO H 14 -8.72 -10.87 29.82
N GLY H 15 -9.67 -10.99 28.90
CA GLY H 15 -10.48 -12.20 28.79
C GLY H 15 -11.85 -12.08 29.44
N GLY H 16 -11.99 -11.15 30.36
CA GLY H 16 -13.20 -11.05 31.18
C GLY H 16 -14.27 -10.14 30.60
N SER H 17 -15.32 -9.91 31.37
CA SER H 17 -16.51 -9.24 30.88
C SER H 17 -17.04 -8.19 31.88
N LEU H 18 -17.65 -7.14 31.37
CA LEU H 18 -18.41 -6.20 32.20
C LEU H 18 -19.76 -5.89 31.58
N ARG H 19 -20.68 -5.31 32.35
CA ARG H 19 -21.93 -4.84 31.79
C ARG H 19 -22.22 -3.41 32.22
N LEU H 20 -22.16 -2.49 31.26
CA LEU H 20 -22.44 -1.09 31.53
C LEU H 20 -23.94 -0.80 31.46
N SER H 21 -24.35 0.27 32.13
CA SER H 21 -25.77 0.58 32.27
C SER H 21 -25.96 2.10 32.30
N CYS H 22 -26.84 2.61 31.44
CA CYS H 22 -27.13 4.04 31.42
C CYS H 22 -28.63 4.26 31.57
N ALA H 23 -29.05 4.77 32.73
CA ALA H 23 -30.48 4.91 33.01
C ALA H 23 -30.95 6.33 32.74
N ALA H 24 -31.94 6.46 31.86
CA ALA H 24 -32.41 7.78 31.46
C ALA H 24 -33.66 8.23 32.24
N SER H 25 -33.70 9.51 32.58
CA SER H 25 -34.94 10.21 32.91
C SER H 25 -34.99 11.57 32.19
N GLY H 26 -36.19 12.14 32.09
CA GLY H 26 -36.37 13.40 31.39
C GLY H 26 -36.90 13.18 29.98
N PHE H 27 -36.58 12.04 29.40
CA PHE H 27 -37.02 11.72 28.05
C PHE H 27 -37.32 10.23 27.90
N ASN H 28 -37.91 9.87 26.77
CA ASN H 28 -38.21 8.48 26.45
C ASN H 28 -37.18 7.93 25.45
N ILE H 29 -36.32 7.02 25.91
CA ILE H 29 -35.24 6.46 25.10
C ILE H 29 -35.76 5.85 23.79
N LYS H 30 -37.05 5.58 23.73
CA LYS H 30 -37.68 5.07 22.51
C LYS H 30 -37.59 6.08 21.37
N ASP H 31 -37.49 7.36 21.72
CA ASP H 31 -37.45 8.45 20.73
C ASP H 31 -36.03 8.76 20.25
N THR H 32 -35.04 8.07 20.78
CA THR H 32 -33.65 8.47 20.57
C THR H 32 -32.83 7.31 20.00
N TYR H 33 -31.68 7.64 19.40
CA TYR H 33 -30.53 6.74 19.39
C TYR H 33 -29.85 6.84 20.75
N ILE H 34 -29.60 5.70 21.39
CA ILE H 34 -28.85 5.70 22.64
C ILE H 34 -27.71 4.69 22.61
N GLY H 35 -26.55 5.08 23.11
CA GLY H 35 -25.41 4.17 23.16
C GLY H 35 -24.21 4.72 23.90
N TRP H 36 -23.03 4.21 23.54
CA TRP H 36 -21.76 4.64 24.13
C TRP H 36 -20.73 5.18 23.13
N VAL H 37 -19.97 6.17 23.62
CA VAL H 37 -18.70 6.55 23.03
C VAL H 37 -17.54 6.30 24.00
N ARG H 38 -16.35 6.06 23.45
CA ARG H 38 -15.15 5.98 24.28
C ARG H 38 -14.04 6.91 23.80
N ARG H 39 -13.53 7.71 24.73
CA ARG H 39 -12.18 8.24 24.62
C ARG H 39 -11.22 7.31 25.34
N ALA H 40 -10.45 6.55 24.56
CA ALA H 40 -9.28 5.85 25.09
C ALA H 40 -8.17 6.85 25.41
N PRO H 41 -7.23 6.48 26.30
CA PRO H 41 -6.26 7.45 26.82
C PRO H 41 -5.50 8.21 25.72
N GLY H 42 -5.56 9.54 25.76
CA GLY H 42 -4.97 10.38 24.72
C GLY H 42 -5.34 9.93 23.31
N LYS H 43 -6.64 10.03 22.99
CA LYS H 43 -7.14 9.67 21.66
C LYS H 43 -8.46 10.37 21.39
N GLY H 44 -9.08 10.04 20.25
CA GLY H 44 -10.35 10.65 19.85
C GLY H 44 -11.58 9.98 20.42
N GLU H 45 -12.69 10.70 20.45
CA GLU H 45 -14.01 10.12 20.70
C GLU H 45 -14.48 9.24 19.54
N GLU H 46 -14.67 7.95 19.81
CA GLU H 46 -15.25 7.05 18.83
C GLU H 46 -16.57 6.43 19.31
N LEU H 47 -17.49 6.26 18.38
CA LEU H 47 -18.68 5.47 18.62
C LEU H 47 -18.27 4.08 19.06
N VAL H 48 -18.95 3.55 20.08
CA VAL H 48 -18.73 2.16 20.49
C VAL H 48 -19.89 1.27 20.08
N ALA H 49 -21.10 1.67 20.47
CA ALA H 49 -22.30 0.98 20.04
C ALA H 49 -23.49 1.88 20.27
N ARG H 50 -24.56 1.66 19.49
CA ARG H 50 -25.78 2.44 19.65
C ARG H 50 -27.00 1.60 19.32
N ILE H 51 -28.12 1.97 19.93
CA ILE H 51 -29.38 1.29 19.69
C ILE H 51 -30.51 2.31 19.48
N TYR H 52 -31.34 2.05 18.46
CA TYR H 52 -32.62 2.72 18.31
C TYR H 52 -33.74 1.78 18.71
N PRO H 53 -34.30 1.99 19.91
CA PRO H 53 -35.12 0.99 20.57
C PRO H 53 -36.46 0.76 19.85
N THR H 54 -36.89 1.74 19.09
CA THR H 54 -38.14 1.64 18.34
C THR H 54 -38.07 0.67 17.16
N ASN H 55 -37.07 0.83 16.30
CA ASN H 55 -36.96 0.00 15.10
C ASN H 55 -35.93 -1.12 15.24
N GLY H 56 -35.17 -1.07 16.33
CA GLY H 56 -34.23 -2.15 16.67
C GLY H 56 -32.83 -2.02 16.10
N TYR H 57 -32.60 -1.00 15.27
CA TYR H 57 -31.29 -0.78 14.64
C TYR H 57 -30.17 -0.65 15.68
N THR H 58 -29.04 -1.31 15.41
CA THR H 58 -27.83 -1.12 16.21
C THR H 58 -26.62 -0.90 15.30
N ARG H 59 -25.57 -0.32 15.87
CA ARG H 59 -24.30 -0.19 15.17
C ARG H 59 -23.13 -0.36 16.13
N TYR H 60 -22.09 -1.02 15.65
CA TYR H 60 -20.93 -1.34 16.49
C TYR H 60 -19.64 -0.77 15.92
N ALA H 61 -18.78 -0.24 16.77
CA ALA H 61 -17.40 0.04 16.40
C ALA H 61 -16.83 -1.19 15.75
N ASP H 62 -15.98 -1.00 14.76
CA ASP H 62 -15.36 -2.12 14.09
C ASP H 62 -14.70 -3.08 15.09
N SER H 63 -13.96 -2.53 16.03
CA SER H 63 -13.04 -3.33 16.82
C SER H 63 -13.75 -4.17 17.89
N VAL H 64 -15.07 -4.00 18.02
CA VAL H 64 -15.81 -4.67 19.09
C VAL H 64 -16.88 -5.63 18.56
N LYS H 65 -17.03 -5.70 17.26
CA LYS H 65 -17.99 -6.60 16.65
C LYS H 65 -17.72 -8.03 17.10
N GLY H 66 -18.76 -8.71 17.59
CA GLY H 66 -18.63 -10.09 18.04
C GLY H 66 -18.33 -10.23 19.52
N ARG H 67 -17.96 -9.12 20.17
CA ARG H 67 -17.52 -9.13 21.56
C ARG H 67 -18.45 -8.29 22.44
N PHE H 68 -18.82 -7.11 21.96
CA PHE H 68 -19.71 -6.22 22.70
C PHE H 68 -21.14 -6.37 22.19
N THR H 69 -22.10 -6.01 23.03
CA THR H 69 -23.51 -6.21 22.72
C THR H 69 -24.35 -5.19 23.48
N ILE H 70 -24.98 -4.28 22.74
CA ILE H 70 -25.89 -3.29 23.34
C ILE H 70 -27.34 -3.78 23.31
N SER H 71 -28.13 -3.33 24.28
CA SER H 71 -29.57 -3.57 24.28
C SER H 71 -30.27 -2.54 25.16
N ALA H 72 -31.61 -2.49 25.07
CA ALA H 72 -32.38 -1.52 25.84
C ALA H 72 -33.61 -2.17 26.48
N ASP H 73 -33.90 -1.75 27.72
CA ASP H 73 -35.19 -2.06 28.36
C ASP H 73 -36.04 -0.80 28.43
N THR H 74 -37.01 -0.71 27.51
CA THR H 74 -37.83 0.49 27.39
C THR H 74 -38.72 0.72 28.62
N SER H 75 -39.16 -0.36 29.25
CA SER H 75 -39.96 -0.25 30.48
C SER H 75 -39.17 0.30 31.66
N LYS H 76 -37.87 0.02 31.71
CA LYS H 76 -37.02 0.64 32.72
C LYS H 76 -36.25 1.87 32.24
N ASN H 77 -36.37 2.17 30.94
CA ASN H 77 -35.77 3.38 30.37
C ASN H 77 -34.24 3.40 30.49
N THR H 78 -33.63 2.26 30.17
CA THR H 78 -32.22 2.01 30.48
C THR H 78 -31.60 1.23 29.33
N ALA H 79 -30.36 1.58 28.99
CA ALA H 79 -29.62 0.81 28.01
C ALA H 79 -28.44 0.05 28.64
N TYR H 80 -28.01 -1.02 27.99
CA TYR H 80 -26.96 -1.86 28.55
C TYR H 80 -25.91 -2.19 27.50
N LEU H 81 -24.65 -2.11 27.91
CA LEU H 81 -23.54 -2.57 27.10
C LEU H 81 -22.86 -3.77 27.76
N GLN H 82 -23.11 -4.95 27.21
CA GLN H 82 -22.40 -6.16 27.59
C GLN H 82 -21.03 -6.23 26.94
N MET H 83 -19.97 -6.25 27.76
CA MET H 83 -18.62 -6.31 27.22
C MET H 83 -17.89 -7.62 27.55
N ASN H 84 -17.84 -8.52 26.59
CA ASN H 84 -17.12 -9.79 26.75
C ASN H 84 -15.73 -9.74 26.14
N SER H 85 -14.94 -10.78 26.42
CA SER H 85 -13.61 -10.94 25.84
C SER H 85 -12.79 -9.65 25.81
N LEU H 86 -12.82 -8.90 26.90
CA LEU H 86 -12.16 -7.59 26.94
C LEU H 86 -10.65 -7.68 26.72
N ARG H 87 -10.08 -6.58 26.23
CA ARG H 87 -8.65 -6.51 25.95
C ARG H 87 -8.09 -5.22 26.49
N ALA H 88 -6.78 -5.22 26.74
CA ALA H 88 -6.02 -4.00 27.01
C ALA H 88 -6.54 -2.82 26.23
N GLU H 89 -6.85 -3.04 24.96
CA GLU H 89 -7.18 -1.98 24.00
C GLU H 89 -8.55 -1.34 24.26
N ASP H 90 -9.38 -2.04 25.03
CA ASP H 90 -10.71 -1.53 25.37
C ASP H 90 -10.64 -0.57 26.56
N THR H 91 -9.45 -0.41 27.13
CA THR H 91 -9.25 0.49 28.26
C THR H 91 -9.52 1.93 27.85
N ALA H 92 -10.57 2.52 28.43
CA ALA H 92 -11.02 3.85 28.04
C ALA H 92 -11.97 4.42 29.09
N VAL H 93 -12.30 5.69 28.97
CA VAL H 93 -13.55 6.18 29.54
C VAL H 93 -14.72 5.96 28.55
N TYR H 94 -15.78 5.33 29.04
CA TYR H 94 -16.99 5.06 28.25
C TYR H 94 -18.12 5.98 28.67
N TYR H 95 -18.58 6.81 27.75
CA TYR H 95 -19.69 7.74 28.00
C TYR H 95 -20.96 7.30 27.27
N CYS H 96 -22.04 7.03 28.02
CA CYS H 96 -23.35 6.84 27.38
C CYS H 96 -23.83 8.16 26.78
N TYR H 97 -24.54 8.07 25.65
CA TYR H 97 -25.05 9.27 24.97
C TYR H 97 -26.42 8.99 24.36
N TYR H 98 -27.16 10.06 24.07
CA TYR H 98 -28.34 9.97 23.23
C TYR H 98 -28.49 11.15 22.27
N HIS H 99 -29.16 10.91 21.15
CA HIS H 99 -29.82 11.98 20.43
C HIS H 99 -31.20 11.55 19.91
N TYR H 100 -32.14 12.49 19.82
CA TYR H 100 -33.43 12.15 19.26
C TYR H 100 -33.24 11.61 17.84
N TYR H 101 -33.89 10.49 17.55
CA TYR H 101 -33.85 9.91 16.23
C TYR H 101 -34.48 10.87 15.23
N GLY H 102 -33.82 11.04 14.09
CA GLY H 102 -34.33 11.91 13.03
C GLY H 102 -34.27 13.40 13.36
N TRP H 103 -35.26 14.13 12.86
CA TRP H 103 -35.37 15.57 13.10
C TRP H 103 -36.04 15.83 14.45
N HIS H 104 -35.54 16.82 15.18
CA HIS H 104 -36.09 17.19 16.48
C HIS H 104 -36.32 18.71 16.54
N PRO H 105 -37.56 19.14 16.83
CA PRO H 105 -37.95 20.55 16.66
C PRO H 105 -37.30 21.48 17.69
N GLY H 106 -36.98 22.70 17.27
CA GLY H 106 -36.63 23.79 18.18
C GLY H 106 -35.13 24.01 18.29
N TYR H 107 -34.73 24.83 19.27
CA TYR H 107 -33.32 25.14 19.52
C TYR H 107 -32.77 24.49 20.79
N GLY H 108 -33.60 23.68 21.44
CA GLY H 108 -33.19 23.00 22.67
C GLY H 108 -32.34 21.77 22.42
N LEU H 109 -31.77 21.23 23.50
CA LEU H 109 -30.79 20.14 23.41
C LEU H 109 -31.33 18.87 22.76
N SER H 110 -30.71 18.47 21.65
CA SER H 110 -31.13 17.30 20.90
C SER H 110 -30.20 16.12 21.12
N TYR H 111 -29.04 16.41 21.70
CA TYR H 111 -27.95 15.44 21.80
C TYR H 111 -27.17 15.66 23.10
N SER H 112 -26.94 14.59 23.85
CA SER H 112 -26.29 14.71 25.14
C SER H 112 -25.53 13.44 25.56
N SER H 113 -24.52 13.63 26.40
CA SER H 113 -23.75 12.52 26.95
C SER H 113 -23.51 12.68 28.45
N GLY H 114 -23.22 11.58 29.14
CA GLY H 114 -23.01 11.60 30.58
C GLY H 114 -21.56 11.82 31.01
N GLN H 115 -21.31 11.63 32.31
CA GLN H 115 -19.99 11.86 32.89
C GLN H 115 -19.03 10.73 32.55
N GLY H 116 -19.57 9.56 32.28
CA GLY H 116 -18.76 8.43 31.85
C GLY H 116 -18.25 7.60 33.00
N THR H 117 -17.60 6.49 32.66
CA THR H 117 -17.10 5.57 33.66
C THR H 117 -15.84 4.90 33.13
N LEU H 118 -14.81 4.84 33.97
CA LEU H 118 -13.56 4.24 33.56
C LEU H 118 -13.70 2.73 33.46
N VAL H 119 -13.21 2.17 32.36
CA VAL H 119 -13.07 0.73 32.24
C VAL H 119 -11.61 0.39 31.97
N THR H 120 -10.99 -0.31 32.93
CA THR H 120 -9.57 -0.61 32.87
C THR H 120 -9.39 -2.13 32.73
N VAL H 121 -8.73 -2.54 31.65
CA VAL H 121 -8.48 -3.95 31.39
C VAL H 121 -6.99 -4.24 31.52
N SER H 122 -6.65 -5.13 32.45
CA SER H 122 -5.24 -5.35 32.80
C SER H 122 -5.08 -6.42 33.87
N SER H 123 -3.90 -7.03 33.90
CA SER H 123 -3.60 -8.13 34.84
C SER H 123 -3.16 -7.62 36.21
#